data_3EGG
#
_entry.id   3EGG
#
_cell.length_a   119.675
_cell.length_b   84.418
_cell.length_c   109.164
_cell.angle_alpha   90.000
_cell.angle_beta   93.500
_cell.angle_gamma   90.000
#
_symmetry.space_group_name_H-M   'C 1 2 1'
#
loop_
_entity.id
_entity.type
_entity.pdbx_description
1 polymer 'Serine/threonine-protein phosphatase PP1-alpha catalytic subunit'
2 polymer Spinophilin
3 non-polymer GLYCEROL
4 non-polymer 'MANGANESE (II) ION'
5 non-polymer '2-(N-MORPHOLINO)-ETHANESULFONIC ACID'
6 water water
#
loop_
_entity_poly.entity_id
_entity_poly.type
_entity_poly.pdbx_seq_one_letter_code
_entity_poly.pdbx_strand_id
1 'polypeptide(L)'
;GHMGSLNLDSIIGRLLEVQGSRPGKNVQLTENEIRGLCLKSREIFLSQPILLELEAPLKICGDIHGQYYDLLRLFEYGGF
PPESNYLFLGDYVDRGKQSLETICLLLAYKIKYPENFFLLRGNHECASINRIYGFYDECKRRYNIKLWKTFTDCFNCLPI
AAIVDEKIFCCHGGLSPDLQSMEQIRRIMRPTDVPDQGLLCDLLWSDPDKDVQGWGENDRGVSFTFGAEVVAKFLHKHDL
DLICRAHQVVEDGYEFFAKRQLVTLFSAPNYCGEFDNAGAMMSVDETLMCSFQILKPADKNKGKYGQFSGLNPGGRPITP
PRNSAKAKK
;
A,B
2 'polypeptide(L)'
;GHMDEEDGEPPYEPESGCVEIPGLSEEEDPAPSRKIHFSTAPIQVFSTYSNEDYDRRNEDVDPMAASAEYELEKRVERLE
LFPVELEKDSEGLGISIIGMGAGADMGLEKLGIFVKTVTEGGAAHRDGRIQVNDLLVEVDGTSLVGVTQSFAASVLRNTK
GRVRFMIGRE
;
C,D
#
# COMPACT_ATOMS: atom_id res chain seq x y z
N LEU A 6 -5.00 -15.66 9.42
CA LEU A 6 -3.88 -14.88 10.05
C LEU A 6 -2.65 -14.84 9.15
N ASN A 7 -2.33 -15.97 8.53
CA ASN A 7 -1.19 -16.10 7.62
C ASN A 7 0.19 -15.80 8.24
N LEU A 8 0.39 -16.16 9.51
CA LEU A 8 1.49 -15.57 10.31
C LEU A 8 2.90 -15.87 9.77
N ASP A 9 3.16 -17.12 9.43
CA ASP A 9 4.51 -17.46 8.94
C ASP A 9 4.84 -16.82 7.59
N SER A 10 3.83 -16.64 6.74
CA SER A 10 3.99 -15.91 5.47
C SER A 10 4.35 -14.45 5.77
N ILE A 11 3.65 -13.87 6.73
CA ILE A 11 3.87 -12.47 7.09
C ILE A 11 5.29 -12.28 7.62
N ILE A 12 5.69 -13.14 8.57
CA ILE A 12 7.06 -13.13 9.10
C ILE A 12 8.10 -13.31 7.96
N GLY A 13 7.89 -14.29 7.06
CA GLY A 13 8.77 -14.48 5.89
C GLY A 13 8.95 -13.20 5.08
N ARG A 14 7.86 -12.48 4.81
CA ARG A 14 7.94 -11.27 3.99
C ARG A 14 8.63 -10.12 4.72
N LEU A 15 8.39 -10.01 6.04
CA LEU A 15 9.10 -9.03 6.86
C LEU A 15 10.60 -9.29 6.88
N LEU A 16 11.01 -10.56 6.91
CA LEU A 16 12.44 -10.90 7.01
C LEU A 16 13.14 -11.01 5.66
N GLU A 17 12.36 -10.95 4.58
CA GLU A 17 12.86 -11.07 3.21
C GLU A 17 13.91 -9.97 2.89
N VAL A 18 13.79 -8.82 3.54
CA VAL A 18 14.69 -7.69 3.28
C VAL A 18 15.96 -7.72 4.10
N GLN A 19 16.19 -8.79 4.85
CA GLN A 19 17.39 -8.89 5.67
C GLN A 19 18.68 -8.56 4.93
N GLY A 20 18.78 -8.98 3.68
CA GLY A 20 19.98 -8.74 2.89
C GLY A 20 19.95 -7.55 1.93
N SER A 21 18.89 -6.73 2.04
CA SER A 21 18.70 -5.57 1.16
C SER A 21 19.39 -4.33 1.70
N ARG A 22 19.63 -3.35 0.83
CA ARG A 22 20.08 -2.05 1.29
C ARG A 22 19.03 -1.45 2.24
N PRO A 23 19.47 -1.00 3.43
CA PRO A 23 18.54 -0.49 4.42
C PRO A 23 17.62 0.61 3.88
N GLY A 24 16.37 0.62 4.34
CA GLY A 24 15.38 1.57 3.86
C GLY A 24 14.30 0.94 2.97
N LYS A 25 14.58 -0.22 2.37
CA LYS A 25 13.59 -0.89 1.52
C LYS A 25 12.36 -1.26 2.34
N ASN A 26 11.16 -0.89 1.86
CA ASN A 26 9.94 -1.17 2.60
C ASN A 26 9.46 -2.60 2.40
N VAL A 27 8.70 -3.07 3.38
CA VAL A 27 7.89 -4.27 3.24
C VAL A 27 6.44 -3.80 3.41
N GLN A 28 5.66 -3.96 2.35
CA GLN A 28 4.28 -3.47 2.35
C GLN A 28 3.32 -4.69 2.48
N LEU A 29 2.91 -4.97 3.71
CA LEU A 29 1.95 -6.05 3.97
C LEU A 29 0.58 -5.49 3.57
N THR A 30 -0.43 -6.34 3.46
CA THR A 30 -1.77 -5.81 3.17
C THR A 30 -2.39 -5.24 4.44
N GLU A 31 -3.37 -4.38 4.25
CA GLU A 31 -4.15 -3.80 5.34
C GLU A 31 -4.76 -4.91 6.20
N ASN A 32 -5.36 -5.91 5.54
CA ASN A 32 -6.02 -7.01 6.26
C ASN A 32 -5.04 -7.77 7.13
N GLU A 33 -3.82 -7.96 6.62
CA GLU A 33 -2.73 -8.58 7.40
C GLU A 33 -2.35 -7.83 8.65
N ILE A 34 -2.14 -6.52 8.52
CA ILE A 34 -1.74 -5.71 9.65
C ILE A 34 -2.87 -5.68 10.66
N ARG A 35 -4.11 -5.50 10.18
CA ARG A 35 -5.29 -5.55 11.08
C ARG A 35 -5.36 -6.86 11.88
N GLY A 36 -5.09 -7.99 11.22
CA GLY A 36 -5.07 -9.29 11.91
C GLY A 36 -4.01 -9.36 13.00
N LEU A 37 -2.83 -8.79 12.74
CA LEU A 37 -1.75 -8.74 13.75
C LEU A 37 -2.19 -7.90 14.94
N CYS A 38 -2.81 -6.76 14.67
CA CYS A 38 -3.33 -5.90 15.75
C CYS A 38 -4.39 -6.58 16.59
N LEU A 39 -5.32 -7.27 15.94
CA LEU A 39 -6.46 -7.81 16.68
C LEU A 39 -6.02 -9.03 17.49
N LYS A 40 -5.18 -9.86 16.89
CA LYS A 40 -4.68 -11.03 17.58
C LYS A 40 -3.75 -10.71 18.76
N SER A 41 -2.82 -9.77 18.55
CA SER A 41 -1.89 -9.38 19.61
C SER A 41 -2.66 -8.71 20.76
N ARG A 42 -3.67 -7.91 20.43
CA ARG A 42 -4.50 -7.28 21.44
C ARG A 42 -5.13 -8.31 22.40
N GLU A 43 -5.69 -9.40 21.85
CA GLU A 43 -6.29 -10.47 22.66
C GLU A 43 -5.25 -11.05 23.60
N ILE A 44 -4.06 -11.26 23.06
CA ILE A 44 -2.97 -11.83 23.86
C ILE A 44 -2.56 -10.91 24.97
N PHE A 45 -2.31 -9.62 24.66
CA PHE A 45 -1.99 -8.64 25.71
C PHE A 45 -3.03 -8.61 26.83
N LEU A 46 -4.31 -8.57 26.47
CA LEU A 46 -5.38 -8.59 27.47
C LEU A 46 -5.42 -9.88 28.31
N SER A 47 -5.03 -11.00 27.72
CA SER A 47 -5.02 -12.30 28.42
C SER A 47 -3.85 -12.47 29.39
N GLN A 48 -2.83 -11.62 29.28
CA GLN A 48 -1.68 -11.68 30.17
C GLN A 48 -1.74 -10.50 31.13
N PRO A 49 -1.05 -10.59 32.29
CA PRO A 49 -1.13 -9.51 33.30
C PRO A 49 -0.58 -8.19 32.76
N ILE A 50 -1.11 -7.09 33.28
CA ILE A 50 -0.59 -5.75 32.94
C ILE A 50 0.81 -5.51 33.57
N LEU A 51 1.05 -6.22 34.69
CA LEU A 51 2.35 -6.27 35.32
C LEU A 51 2.90 -7.69 35.09
N LEU A 52 3.78 -7.81 34.10
CA LEU A 52 4.33 -9.11 33.73
C LEU A 52 5.25 -9.64 34.82
N GLU A 53 5.15 -10.94 35.08
CA GLU A 53 6.06 -11.65 35.96
C GLU A 53 6.87 -12.66 35.13
N LEU A 54 8.13 -12.34 34.88
CA LEU A 54 8.96 -13.06 33.92
C LEU A 54 10.14 -13.76 34.58
N GLU A 55 10.63 -14.80 33.93
CA GLU A 55 11.79 -15.53 34.44
C GLU A 55 12.93 -15.51 33.44
N ALA A 56 14.14 -15.36 33.94
CA ALA A 56 15.36 -15.53 33.16
C ALA A 56 15.44 -16.96 32.55
N PRO A 57 16.16 -17.13 31.42
CA PRO A 57 16.94 -16.14 30.68
C PRO A 57 16.06 -15.21 29.84
N LEU A 58 16.57 -14.00 29.61
CA LEU A 58 15.81 -12.98 28.96
C LEU A 58 16.80 -11.96 28.39
N LYS A 59 16.48 -11.41 27.23
CA LYS A 59 17.26 -10.31 26.64
C LYS A 59 16.33 -9.12 26.64
N ILE A 60 16.81 -7.98 27.15
CA ILE A 60 15.99 -6.78 27.35
C ILE A 60 16.50 -5.66 26.42
N CYS A 61 15.57 -5.06 25.68
CA CYS A 61 15.89 -4.00 24.71
C CYS A 61 15.11 -2.73 25.00
N GLY A 62 15.76 -1.59 24.75
CA GLY A 62 15.11 -0.28 24.87
C GLY A 62 14.52 0.20 23.54
N ASP A 63 14.41 1.53 23.38
CA ASP A 63 13.67 2.15 22.28
C ASP A 63 14.15 1.66 20.92
N ILE A 64 13.22 1.51 19.99
CA ILE A 64 13.55 1.21 18.59
C ILE A 64 13.23 2.35 17.66
N HIS A 65 12.08 3.00 17.91
CA HIS A 65 11.65 4.15 17.11
C HIS A 65 11.68 3.95 15.59
N GLY A 66 11.07 2.86 15.13
CA GLY A 66 10.89 2.61 13.69
C GLY A 66 12.15 2.43 12.87
N GLN A 67 13.31 2.27 13.54
CA GLN A 67 14.56 1.97 12.81
C GLN A 67 14.59 0.46 12.53
N TYR A 68 13.81 0.05 11.52
CA TYR A 68 13.54 -1.37 11.28
C TYR A 68 14.81 -2.16 11.02
N TYR A 69 15.75 -1.59 10.26
CA TYR A 69 16.96 -2.33 9.92
C TYR A 69 17.89 -2.55 11.10
N ASP A 70 17.88 -1.62 12.05
CA ASP A 70 18.56 -1.81 13.33
C ASP A 70 17.93 -2.93 14.16
N LEU A 71 16.60 -3.02 14.15
CA LEU A 71 15.90 -4.12 14.81
C LEU A 71 16.31 -5.46 14.23
N LEU A 72 16.38 -5.54 12.90
CA LEU A 72 16.83 -6.78 12.24
C LEU A 72 18.24 -7.20 12.70
N ARG A 73 19.13 -6.23 12.85
CA ARG A 73 20.48 -6.54 13.34
C ARG A 73 20.48 -6.97 14.80
N LEU A 74 19.62 -6.36 15.61
CA LEU A 74 19.47 -6.73 17.02
C LEU A 74 19.13 -8.22 17.14
N PHE A 75 18.12 -8.66 16.38
CA PHE A 75 17.78 -10.07 16.29
C PHE A 75 18.90 -10.95 15.70
N GLU A 76 19.55 -10.49 14.62
CA GLU A 76 20.69 -11.21 14.07
C GLU A 76 21.72 -11.55 15.14
N TYR A 77 22.11 -10.54 15.90
CA TYR A 77 23.20 -10.71 16.85
C TYR A 77 22.75 -11.29 18.19
N GLY A 78 21.54 -10.92 18.62
CA GLY A 78 20.96 -11.40 19.88
C GLY A 78 20.34 -12.79 19.76
N GLY A 79 19.99 -13.18 18.53
CA GLY A 79 19.29 -14.44 18.26
C GLY A 79 17.83 -14.19 17.92
N PHE A 80 17.39 -14.60 16.75
CA PHE A 80 15.96 -14.43 16.39
C PHE A 80 15.09 -15.28 17.30
N PRO A 81 13.90 -14.77 17.67
CA PRO A 81 12.94 -15.59 18.42
C PRO A 81 12.72 -16.90 17.66
N PRO A 82 12.62 -18.04 18.36
CA PRO A 82 12.58 -18.22 19.82
C PRO A 82 13.93 -18.60 20.46
N GLU A 83 15.03 -18.36 19.74
CA GLU A 83 16.39 -18.70 20.20
C GLU A 83 16.70 -18.04 21.55
N SER A 84 16.22 -16.80 21.66
CA SER A 84 16.33 -16.02 22.89
CA SER A 84 16.34 -16.00 22.87
C SER A 84 14.94 -15.55 23.26
N ASN A 85 14.70 -15.40 24.56
CA ASN A 85 13.48 -14.78 25.07
C ASN A 85 13.73 -13.28 25.08
N TYR A 86 12.73 -12.50 24.71
CA TYR A 86 12.85 -11.02 24.66
C TYR A 86 11.83 -10.29 25.49
N LEU A 87 12.29 -9.16 26.05
CA LEU A 87 11.40 -8.16 26.61
C LEU A 87 11.83 -6.81 26.04
N PHE A 88 10.92 -6.15 25.34
CA PHE A 88 11.12 -4.79 24.85
C PHE A 88 10.43 -3.80 25.76
N LEU A 89 11.06 -2.64 25.94
CA LEU A 89 10.61 -1.68 26.92
C LEU A 89 9.76 -0.55 26.35
N GLY A 90 9.36 -0.66 25.08
CA GLY A 90 8.43 0.30 24.48
C GLY A 90 9.09 1.22 23.46
N ASP A 91 8.29 2.17 22.96
CA ASP A 91 8.74 3.14 21.96
C ASP A 91 9.24 2.46 20.66
N TYR A 92 8.31 1.71 20.07
CA TYR A 92 8.52 0.97 18.81
C TYR A 92 8.36 1.89 17.60
N VAL A 93 7.57 2.95 17.78
CA VAL A 93 7.09 3.76 16.67
C VAL A 93 7.53 5.22 16.84
N ASP A 94 7.27 6.02 15.80
CA ASP A 94 7.60 7.45 15.75
C ASP A 94 9.05 7.67 15.41
N ARG A 95 9.32 8.80 14.75
CA ARG A 95 10.68 9.32 14.45
C ARG A 95 11.37 8.63 13.28
N GLY A 96 11.39 7.30 13.28
CA GLY A 96 11.98 6.50 12.20
C GLY A 96 11.03 6.44 11.01
N LYS A 97 11.53 5.93 9.89
CA LYS A 97 10.74 5.86 8.67
C LYS A 97 9.99 4.55 8.53
N GLN A 98 10.36 3.59 9.36
CA GLN A 98 9.77 2.26 9.24
C GLN A 98 9.15 1.75 10.53
N SER A 99 8.33 2.60 11.15
CA SER A 99 7.54 2.19 12.31
C SER A 99 6.66 0.98 11.99
N LEU A 100 6.04 0.96 10.80
CA LEU A 100 5.12 -0.15 10.43
C LEU A 100 5.78 -1.52 10.39
N GLU A 101 6.91 -1.64 9.67
CA GLU A 101 7.64 -2.92 9.64
C GLU A 101 8.07 -3.33 11.06
N THR A 102 8.52 -2.33 11.83
CA THR A 102 9.02 -2.57 13.19
C THR A 102 7.91 -3.17 14.05
N ILE A 103 6.78 -2.47 14.14
CA ILE A 103 5.70 -2.94 15.01
C ILE A 103 5.08 -4.21 14.48
N CYS A 104 4.98 -4.36 13.15
CA CYS A 104 4.42 -5.61 12.63
C CYS A 104 5.28 -6.84 12.95
N LEU A 105 6.60 -6.73 12.78
CA LEU A 105 7.49 -7.85 13.15
C LEU A 105 7.37 -8.18 14.65
N LEU A 106 7.38 -7.15 15.49
CA LEU A 106 7.26 -7.34 16.94
C LEU A 106 5.94 -7.99 17.31
N LEU A 107 4.84 -7.46 16.77
CA LEU A 107 3.55 -8.11 17.03
C LEU A 107 3.49 -9.55 16.51
N ALA A 108 4.08 -9.81 15.36
CA ALA A 108 4.06 -11.15 14.81
C ALA A 108 4.78 -12.13 15.74
N TYR A 109 5.92 -11.73 16.29
CA TYR A 109 6.61 -12.62 17.23
C TYR A 109 5.87 -12.79 18.53
N LYS A 110 5.18 -11.75 18.98
CA LYS A 110 4.34 -11.86 20.17
C LYS A 110 3.24 -12.90 19.97
N ILE A 111 2.63 -12.89 18.77
CA ILE A 111 1.55 -13.83 18.44
C ILE A 111 2.08 -15.29 18.33
N LYS A 112 3.25 -15.45 17.73
CA LYS A 112 3.83 -16.78 17.46
C LYS A 112 4.39 -17.42 18.74
N TYR A 113 5.02 -16.61 19.58
CA TYR A 113 5.71 -17.08 20.79
C TYR A 113 5.25 -16.28 22.05
N PRO A 114 3.96 -16.36 22.39
CA PRO A 114 3.36 -15.46 23.38
C PRO A 114 3.90 -15.62 24.80
N GLU A 115 4.54 -16.75 25.09
CA GLU A 115 5.07 -17.02 26.44
C GLU A 115 6.56 -16.77 26.51
N ASN A 116 7.17 -16.39 25.37
CA ASN A 116 8.63 -16.23 25.29
C ASN A 116 9.05 -14.91 24.65
N PHE A 117 8.07 -14.03 24.42
CA PHE A 117 8.31 -12.77 23.73
C PHE A 117 7.38 -11.73 24.31
N PHE A 118 7.92 -10.59 24.74
CA PHE A 118 7.14 -9.61 25.51
C PHE A 118 7.46 -8.16 25.12
N LEU A 119 6.40 -7.33 25.12
CA LEU A 119 6.46 -5.94 24.70
C LEU A 119 5.76 -5.10 25.76
N LEU A 120 6.45 -4.11 26.29
CA LEU A 120 5.85 -3.12 27.19
C LEU A 120 5.43 -1.87 26.41
N ARG A 121 4.57 -1.08 27.03
CA ARG A 121 4.10 0.16 26.44
C ARG A 121 5.10 1.29 26.72
N GLY A 122 5.51 1.99 25.67
CA GLY A 122 6.27 3.23 25.82
C GLY A 122 5.37 4.45 25.73
N ASN A 123 5.92 5.62 26.03
CA ASN A 123 5.15 6.85 25.92
C ASN A 123 4.70 7.15 24.48
N HIS A 124 5.42 6.63 23.50
CA HIS A 124 5.02 6.78 22.09
C HIS A 124 3.93 5.78 21.62
N GLU A 125 3.59 4.80 22.46
CA GLU A 125 2.46 3.91 22.16
C GLU A 125 1.17 4.51 22.71
N CYS A 126 0.92 5.75 22.32
CA CYS A 126 -0.16 6.55 22.85
C CYS A 126 -0.56 7.47 21.71
N ALA A 127 -1.87 7.52 21.42
CA ALA A 127 -2.38 8.29 20.28
C ALA A 127 -1.95 9.75 20.28
N SER A 128 -2.04 10.42 21.44
CA SER A 128 -1.77 11.85 21.51
C SER A 128 -0.30 12.17 21.20
N ILE A 129 0.58 11.20 21.38
CA ILE A 129 2.00 11.34 21.08
C ILE A 129 2.36 10.90 19.65
N ASN A 130 1.95 9.68 19.28
CA ASN A 130 2.31 9.16 17.94
C ASN A 130 1.49 9.79 16.79
N ARG A 131 0.48 10.57 17.15
CA ARG A 131 -0.20 11.45 16.20
C ARG A 131 0.78 12.49 15.67
N ILE A 132 1.66 12.93 16.57
CA ILE A 132 2.50 14.10 16.35
C ILE A 132 3.89 13.73 15.81
N TYR A 133 4.45 12.64 16.31
CA TYR A 133 5.85 12.34 16.05
C TYR A 133 6.14 11.33 14.95
N GLY A 134 5.14 11.04 14.12
CA GLY A 134 5.40 10.37 12.85
C GLY A 134 4.56 9.15 12.50
N PHE A 135 4.07 8.43 13.50
CA PHE A 135 3.37 7.17 13.23
C PHE A 135 2.06 7.38 12.48
N TYR A 136 1.26 8.35 12.91
CA TYR A 136 0.04 8.70 12.16
C TYR A 136 0.38 9.01 10.71
N ASP A 137 1.41 9.83 10.50
CA ASP A 137 1.83 10.18 9.14
C ASP A 137 2.19 8.95 8.27
N GLU A 138 2.94 8.03 8.87
CA GLU A 138 3.34 6.79 8.17
C GLU A 138 2.12 5.96 7.83
N CYS A 139 1.23 5.78 8.80
CA CYS A 139 -0.07 5.11 8.58
C CYS A 139 -0.93 5.77 7.48
N LYS A 140 -1.05 7.10 7.53
CA LYS A 140 -1.86 7.81 6.55
C LYS A 140 -1.25 7.69 5.16
N ARG A 141 0.07 7.80 5.09
CA ARG A 141 0.77 7.76 3.81
C ARG A 141 0.73 6.37 3.20
N ARG A 142 1.00 5.36 4.00
CA ARG A 142 1.19 4.00 3.50
C ARG A 142 -0.08 3.15 3.53
N TYR A 143 -1.01 3.52 4.40
CA TYR A 143 -2.26 2.78 4.54
C TYR A 143 -3.42 3.77 4.59
N ASN A 144 -4.07 3.89 5.74
CA ASN A 144 -5.12 4.88 5.94
C ASN A 144 -5.25 5.17 7.43
N ILE A 145 -5.98 6.22 7.79
CA ILE A 145 -6.21 6.62 9.19
C ILE A 145 -6.91 5.55 10.02
N LYS A 146 -7.85 4.85 9.40
CA LYS A 146 -8.52 3.74 10.06
C LYS A 146 -7.51 2.74 10.66
N LEU A 147 -6.43 2.45 9.91
CA LEU A 147 -5.39 1.53 10.40
C LEU A 147 -4.64 2.10 11.60
N TRP A 148 -4.38 3.41 11.60
CA TRP A 148 -3.81 4.07 12.77
C TRP A 148 -4.69 3.90 14.02
N LYS A 149 -6.01 4.08 13.87
CA LYS A 149 -6.96 3.86 14.99
C LYS A 149 -6.96 2.39 15.49
N THR A 150 -6.77 1.45 14.56
CA THR A 150 -6.66 0.03 14.92
C THR A 150 -5.38 -0.20 15.75
N PHE A 151 -4.27 0.41 15.36
CA PHE A 151 -3.06 0.34 16.18
C PHE A 151 -3.26 0.92 17.58
N THR A 152 -3.95 2.06 17.63
CA THR A 152 -4.25 2.66 18.93
C THR A 152 -4.98 1.71 19.87
N ASP A 153 -6.00 1.04 19.34
CA ASP A 153 -6.79 0.07 20.12
C ASP A 153 -5.89 -1.04 20.68
N CYS A 154 -4.93 -1.46 19.87
CA CYS A 154 -3.94 -2.47 20.25
C CYS A 154 -2.99 -1.93 21.35
N PHE A 155 -2.35 -0.79 21.08
CA PHE A 155 -1.40 -0.15 22.02
C PHE A 155 -2.02 0.14 23.39
N ASN A 156 -3.32 0.49 23.37
CA ASN A 156 -4.09 0.73 24.60
C ASN A 156 -4.17 -0.51 25.52
N CYS A 157 -3.82 -1.67 24.99
CA CYS A 157 -3.83 -2.92 25.76
C CYS A 157 -2.46 -3.46 26.16
N LEU A 158 -1.40 -2.77 25.78
CA LEU A 158 -0.03 -3.20 26.12
C LEU A 158 0.17 -3.22 27.64
N PRO A 159 0.94 -4.21 28.15
CA PRO A 159 1.28 -4.17 29.58
C PRO A 159 2.23 -3.00 29.86
N ILE A 160 2.32 -2.62 31.13
CA ILE A 160 2.98 -1.37 31.53
C ILE A 160 4.32 -1.58 32.20
N ALA A 161 4.49 -2.72 32.87
CA ALA A 161 5.76 -2.97 33.57
C ALA A 161 5.99 -4.47 33.64
N ALA A 162 7.21 -4.87 33.97
CA ALA A 162 7.53 -6.28 34.19
C ALA A 162 8.50 -6.41 35.35
N ILE A 163 8.40 -7.52 36.07
CA ILE A 163 9.36 -7.86 37.10
C ILE A 163 10.01 -9.19 36.71
N VAL A 164 11.34 -9.14 36.58
CA VAL A 164 12.12 -10.31 36.16
C VAL A 164 12.68 -11.03 37.40
N ASP A 165 12.24 -12.28 37.62
CA ASP A 165 12.68 -13.11 38.75
C ASP A 165 12.59 -12.42 40.11
N GLU A 166 11.50 -11.68 40.33
CA GLU A 166 11.26 -10.96 41.58
C GLU A 166 12.38 -9.98 41.93
N LYS A 167 13.23 -9.63 40.97
CA LYS A 167 14.42 -8.79 41.28
C LYS A 167 14.69 -7.59 40.36
N ILE A 168 14.23 -7.65 39.11
CA ILE A 168 14.47 -6.53 38.19
C ILE A 168 13.12 -5.93 37.79
N PHE A 169 12.90 -4.68 38.15
CA PHE A 169 11.68 -3.95 37.79
C PHE A 169 11.91 -3.16 36.49
N CYS A 170 11.08 -3.43 35.48
CA CYS A 170 11.24 -2.92 34.13
C CYS A 170 10.03 -2.08 33.74
N CYS A 171 10.28 -0.87 33.26
CA CYS A 171 9.24 -0.05 32.65
C CYS A 171 9.90 0.91 31.68
N HIS A 172 9.11 1.58 30.86
CA HIS A 172 9.71 2.45 29.85
C HIS A 172 10.41 3.68 30.45
N GLY A 173 9.67 4.44 31.26
CA GLY A 173 10.15 5.71 31.82
C GLY A 173 10.84 5.54 33.16
N GLY A 174 10.06 5.38 34.21
CA GLY A 174 10.64 5.18 35.52
C GLY A 174 9.62 5.18 36.62
N LEU A 175 10.04 5.62 37.79
CA LEU A 175 9.22 5.56 38.98
C LEU A 175 8.17 6.67 39.00
N SER A 176 7.24 6.58 39.95
CA SER A 176 6.21 7.57 40.19
C SER A 176 6.25 7.92 41.67
N PRO A 177 6.06 9.21 42.03
CA PRO A 177 5.92 9.53 43.46
C PRO A 177 4.70 8.82 44.07
N ASP A 178 3.77 8.39 43.22
CA ASP A 178 2.53 7.79 43.69
C ASP A 178 2.62 6.28 43.86
N LEU A 179 3.67 5.67 43.31
CA LEU A 179 3.85 4.21 43.37
C LEU A 179 4.39 3.68 44.71
N GLN A 180 3.50 3.05 45.48
CA GLN A 180 3.81 2.50 46.80
C GLN A 180 3.60 1.00 46.86
N SER A 181 2.75 0.49 45.99
CA SER A 181 2.45 -0.93 45.95
C SER A 181 2.27 -1.37 44.52
N MET A 182 2.81 -2.53 44.16
CA MET A 182 2.62 -3.08 42.81
C MET A 182 1.16 -3.31 42.48
N GLU A 183 0.31 -3.44 43.49
CA GLU A 183 -1.12 -3.60 43.24
C GLU A 183 -1.72 -2.37 42.53
N GLN A 184 -1.10 -1.20 42.72
CA GLN A 184 -1.54 -0.01 42.01
C GLN A 184 -1.38 -0.17 40.51
N ILE A 185 -0.34 -0.92 40.10
CA ILE A 185 -0.16 -1.19 38.68
C ILE A 185 -1.17 -2.25 38.22
N ARG A 186 -1.28 -3.34 39.00
CA ARG A 186 -2.15 -4.47 38.64
C ARG A 186 -3.64 -4.12 38.51
N ARG A 187 -4.12 -3.13 39.26
CA ARG A 187 -5.55 -2.78 39.24
C ARG A 187 -5.93 -1.90 38.04
N ILE A 188 -4.95 -1.45 37.27
CA ILE A 188 -5.22 -0.66 36.06
C ILE A 188 -5.95 -1.51 35.01
N MET A 189 -7.12 -1.04 34.58
CA MET A 189 -7.95 -1.72 33.60
C MET A 189 -7.57 -1.32 32.18
N ARG A 190 -7.58 -2.30 31.28
CA ARG A 190 -7.28 -2.06 29.86
C ARG A 190 -8.49 -2.45 29.00
N PRO A 191 -8.68 -1.80 27.84
CA PRO A 191 -7.82 -0.76 27.25
C PRO A 191 -7.88 0.54 28.05
N THR A 192 -6.78 1.28 28.00
CA THR A 192 -6.70 2.59 28.59
C THR A 192 -5.83 3.52 27.75
N ASP A 193 -6.17 4.80 27.76
CA ASP A 193 -5.26 5.83 27.27
C ASP A 193 -4.25 6.13 28.37
N VAL A 194 -3.21 6.88 28.03
CA VAL A 194 -2.25 7.33 29.02
C VAL A 194 -2.66 8.75 29.44
N PRO A 195 -2.88 8.98 30.75
CA PRO A 195 -3.27 10.31 31.22
C PRO A 195 -2.11 11.30 31.19
N ASP A 196 -2.43 12.57 31.38
CA ASP A 196 -1.46 13.67 31.35
C ASP A 196 -0.66 13.75 32.63
N GLN A 197 -1.12 13.02 33.64
CA GLN A 197 -0.48 12.99 34.94
C GLN A 197 -0.93 11.74 35.71
N GLY A 198 -0.19 11.41 36.75
CA GLY A 198 -0.54 10.27 37.59
C GLY A 198 0.36 9.09 37.31
N LEU A 199 0.06 7.98 37.98
CA LEU A 199 0.91 6.79 38.03
C LEU A 199 1.32 6.27 36.64
N LEU A 200 0.33 6.06 35.78
CA LEU A 200 0.56 5.46 34.46
C LEU A 200 1.42 6.41 33.60
N CYS A 201 1.10 7.70 33.67
CA CYS A 201 1.91 8.71 33.02
C CYS A 201 3.38 8.61 33.45
N ASP A 202 3.61 8.66 34.77
CA ASP A 202 4.96 8.60 35.34
C ASP A 202 5.75 7.37 34.90
N LEU A 203 5.11 6.21 34.93
CA LEU A 203 5.76 4.96 34.52
C LEU A 203 6.31 5.01 33.10
N LEU A 204 5.65 5.78 32.22
CA LEU A 204 6.01 5.89 30.82
C LEU A 204 6.84 7.16 30.51
N TRP A 205 6.90 8.08 31.46
CA TRP A 205 7.46 9.42 31.17
C TRP A 205 8.63 9.91 32.04
N SER A 206 8.74 9.40 33.26
CA SER A 206 9.69 9.97 34.24
C SER A 206 11.15 9.62 33.90
N ASP A 207 12.09 10.40 34.46
CA ASP A 207 13.52 10.23 34.20
C ASP A 207 14.32 10.34 35.49
N PRO A 208 15.41 9.55 35.60
CA PRO A 208 16.34 9.73 36.72
C PRO A 208 17.17 10.99 36.50
N ASP A 209 17.52 11.69 37.58
CA ASP A 209 18.38 12.87 37.51
C ASP A 209 19.34 12.86 38.70
N LYS A 210 20.64 12.80 38.42
CA LYS A 210 21.66 12.78 39.46
C LYS A 210 21.72 14.09 40.25
N ASP A 211 21.09 15.14 39.72
CA ASP A 211 21.17 16.48 40.30
C ASP A 211 19.97 16.85 41.17
N VAL A 212 18.98 15.97 41.24
CA VAL A 212 17.80 16.22 42.06
C VAL A 212 17.82 15.37 43.32
N GLN A 213 17.37 15.96 44.42
CA GLN A 213 17.16 15.24 45.66
C GLN A 213 15.66 15.04 45.77
N GLY A 214 15.24 13.77 45.74
CA GLY A 214 13.82 13.43 45.80
C GLY A 214 13.16 13.47 44.43
N TRP A 215 12.04 14.18 44.35
CA TRP A 215 11.32 14.38 43.09
C TRP A 215 11.43 15.80 42.57
N GLY A 216 11.63 15.93 41.26
CA GLY A 216 11.76 17.26 40.65
C GLY A 216 10.92 17.40 39.40
N GLU A 217 10.91 18.59 38.82
CA GLU A 217 10.17 18.82 37.58
C GLU A 217 10.94 18.28 36.40
N ASN A 218 10.20 17.82 35.40
CA ASN A 218 10.81 17.21 34.22
C ASN A 218 10.82 18.21 33.08
N ASP A 219 11.99 18.41 32.46
CA ASP A 219 12.18 19.33 31.32
C ASP A 219 11.26 19.02 30.13
N ARG A 220 10.78 17.78 30.06
CA ARG A 220 9.86 17.35 29.00
C ARG A 220 8.49 18.02 29.08
N GLY A 221 8.16 18.58 30.23
CA GLY A 221 6.85 19.22 30.46
C GLY A 221 5.78 18.26 30.91
N VAL A 222 6.19 17.02 31.20
CA VAL A 222 5.32 15.92 31.58
C VAL A 222 6.04 15.16 32.71
N SER A 223 5.29 14.78 33.73
CA SER A 223 5.81 13.89 34.79
C SER A 223 6.96 14.52 35.61
N PHE A 224 7.88 13.70 36.09
CA PHE A 224 8.86 14.10 37.09
C PHE A 224 10.26 13.57 36.81
N THR A 225 11.21 14.10 37.55
CA THR A 225 12.52 13.46 37.66
C THR A 225 12.64 12.91 39.08
N PHE A 226 13.53 11.93 39.26
CA PHE A 226 13.75 11.30 40.57
C PHE A 226 15.22 11.05 40.78
N GLY A 227 15.66 11.19 42.03
CA GLY A 227 17.07 11.07 42.39
C GLY A 227 17.49 9.67 42.82
N ALA A 228 18.78 9.53 43.12
CA ALA A 228 19.39 8.25 43.48
C ALA A 228 18.78 7.66 44.75
N GLU A 229 18.49 8.51 45.72
CA GLU A 229 17.89 8.09 46.97
C GLU A 229 16.48 7.51 46.81
N VAL A 230 15.69 8.12 45.93
CA VAL A 230 14.38 7.56 45.57
C VAL A 230 14.52 6.13 45.04
N VAL A 231 15.50 5.92 44.16
CA VAL A 231 15.77 4.58 43.63
C VAL A 231 16.11 3.58 44.74
N ALA A 232 17.12 3.91 45.55
CA ALA A 232 17.54 3.05 46.67
C ALA A 232 16.36 2.67 47.58
N LYS A 233 15.55 3.66 47.95
CA LYS A 233 14.40 3.44 48.84
C LYS A 233 13.37 2.47 48.22
N PHE A 234 13.08 2.68 46.93
CA PHE A 234 12.15 1.85 46.18
C PHE A 234 12.59 0.38 46.14
N LEU A 235 13.87 0.15 45.84
CA LEU A 235 14.42 -1.20 45.71
C LEU A 235 14.40 -1.91 47.06
N HIS A 236 14.85 -1.20 48.10
CA HIS A 236 14.83 -1.79 49.44
C HIS A 236 13.41 -2.18 49.86
N LYS A 237 12.45 -1.28 49.64
CA LYS A 237 11.07 -1.50 50.04
C LYS A 237 10.46 -2.75 49.40
N HIS A 238 10.74 -2.94 48.10
CA HIS A 238 10.11 -4.00 47.33
C HIS A 238 11.01 -5.23 47.15
N ASP A 239 12.12 -5.27 47.88
CA ASP A 239 13.11 -6.36 47.80
C ASP A 239 13.55 -6.64 46.36
N LEU A 240 13.84 -5.56 45.64
CA LEU A 240 14.29 -5.59 44.24
C LEU A 240 15.75 -5.18 44.20
N ASP A 241 16.42 -5.53 43.12
CA ASP A 241 17.86 -5.28 43.00
C ASP A 241 18.18 -4.22 41.97
N LEU A 242 17.30 -4.07 40.96
CA LEU A 242 17.58 -3.20 39.83
C LEU A 242 16.30 -2.69 39.15
N ILE A 243 16.34 -1.44 38.73
CA ILE A 243 15.36 -0.88 37.80
C ILE A 243 15.99 -0.82 36.42
N CYS A 244 15.29 -1.38 35.45
CA CYS A 244 15.70 -1.37 34.06
C CYS A 244 14.66 -0.59 33.30
N ARG A 245 15.08 0.50 32.67
CA ARG A 245 14.16 1.39 31.93
C ARG A 245 14.84 1.87 30.64
N ALA A 246 14.15 2.70 29.84
CA ALA A 246 14.67 3.09 28.53
C ALA A 246 14.45 4.60 28.44
N HIS A 247 13.88 5.10 27.33
CA HIS A 247 13.25 6.42 27.29
C HIS A 247 14.25 7.61 27.13
N GLN A 248 15.53 7.36 27.36
CA GLN A 248 16.56 8.39 27.14
C GLN A 248 17.73 7.89 26.29
N VAL A 249 18.15 8.71 25.32
CA VAL A 249 19.27 8.33 24.48
C VAL A 249 20.54 8.35 25.34
N VAL A 250 21.26 7.23 25.33
CA VAL A 250 22.50 7.12 26.08
C VAL A 250 23.59 6.68 25.10
N GLU A 251 24.77 7.30 25.24
CA GLU A 251 25.79 7.23 24.22
C GLU A 251 26.27 5.83 23.91
N ASP A 252 26.41 5.01 24.95
CA ASP A 252 26.90 3.63 24.81
C ASP A 252 25.79 2.59 24.66
N GLY A 253 24.54 3.04 24.62
CA GLY A 253 23.39 2.14 24.51
C GLY A 253 22.83 1.69 25.85
N TYR A 254 23.70 1.65 26.86
CA TYR A 254 23.31 1.48 28.26
C TYR A 254 24.05 2.52 29.16
N GLU A 255 23.43 2.88 30.28
CA GLU A 255 24.06 3.77 31.23
C GLU A 255 23.50 3.52 32.62
N PHE A 256 24.39 3.27 33.57
CA PHE A 256 23.97 3.07 34.95
C PHE A 256 23.66 4.39 35.65
N PHE A 257 22.81 4.29 36.66
CA PHE A 257 22.45 5.42 37.52
C PHE A 257 22.43 4.91 38.97
N ALA A 258 22.76 5.78 39.93
CA ALA A 258 22.74 5.46 41.37
C ALA A 258 23.60 4.25 41.67
N LYS A 259 24.89 4.38 41.37
CA LYS A 259 25.83 3.26 41.27
C LYS A 259 25.33 2.30 40.17
N ARG A 260 24.80 1.14 40.53
CA ARG A 260 24.24 0.23 39.52
C ARG A 260 22.82 -0.19 39.84
N GLN A 261 22.11 0.67 40.58
CA GLN A 261 20.75 0.36 41.01
C GLN A 261 19.71 0.61 39.93
N LEU A 262 20.06 1.40 38.92
CA LEU A 262 19.19 1.65 37.79
C LEU A 262 20.03 1.56 36.53
N VAL A 263 19.43 1.01 35.47
CA VAL A 263 20.05 1.08 34.14
C VAL A 263 19.06 1.60 33.09
N THR A 264 19.57 2.43 32.19
CA THR A 264 18.86 2.92 31.00
C THR A 264 19.38 2.14 29.80
N LEU A 265 18.46 1.56 29.02
CA LEU A 265 18.80 0.86 27.79
C LEU A 265 18.18 1.61 26.64
N PHE A 266 18.93 1.78 25.56
CA PHE A 266 18.42 2.42 24.37
C PHE A 266 18.93 1.59 23.19
N SER A 267 18.04 1.23 22.28
CA SER A 267 18.37 0.24 21.25
C SER A 267 18.21 0.75 19.82
N ALA A 268 18.23 2.07 19.65
CA ALA A 268 18.13 2.67 18.32
C ALA A 268 19.44 3.43 18.10
N PRO A 269 20.41 2.78 17.42
CA PRO A 269 21.71 3.41 17.19
C PRO A 269 21.60 4.63 16.30
N ASN A 270 22.51 5.59 16.48
CA ASN A 270 22.48 6.84 15.74
C ASN A 270 21.06 7.36 15.59
N TYR A 271 20.42 7.53 16.75
CA TYR A 271 18.99 7.80 16.87
C TYR A 271 18.52 8.90 15.94
N CYS A 272 17.58 8.52 15.07
CA CYS A 272 17.03 9.30 13.96
C CYS A 272 18.03 10.15 13.18
N GLY A 273 19.27 9.65 13.11
CA GLY A 273 20.36 10.34 12.42
C GLY A 273 20.73 11.69 13.02
N GLU A 274 20.37 11.91 14.27
CA GLU A 274 20.65 13.17 14.95
C GLU A 274 21.52 12.99 16.19
N PHE A 275 21.85 11.74 16.50
CA PHE A 275 22.76 11.39 17.58
C PHE A 275 23.79 10.37 17.07
N ASP A 276 24.91 10.26 17.77
CA ASP A 276 25.99 9.35 17.39
C ASP A 276 26.10 8.11 18.28
N ASN A 277 24.98 7.71 18.86
CA ASN A 277 24.99 6.72 19.91
C ASN A 277 24.98 5.28 19.39
N ALA A 278 25.38 4.37 20.26
CA ALA A 278 25.16 2.96 20.06
C ALA A 278 23.80 2.55 20.63
N GLY A 279 23.33 1.37 20.22
CA GLY A 279 22.19 0.73 20.87
C GLY A 279 22.76 -0.38 21.73
N ALA A 280 21.98 -0.85 22.71
CA ALA A 280 22.42 -1.99 23.51
C ALA A 280 21.23 -2.85 23.93
N MET A 281 21.53 -4.08 24.30
CA MET A 281 20.57 -4.93 24.99
C MET A 281 21.22 -5.57 26.22
N MET A 282 20.41 -5.85 27.23
CA MET A 282 20.92 -6.47 28.43
C MET A 282 20.42 -7.91 28.51
N SER A 283 21.36 -8.85 28.63
CA SER A 283 21.01 -10.25 28.85
C SER A 283 21.00 -10.58 30.32
N VAL A 284 20.01 -11.34 30.76
CA VAL A 284 19.95 -11.84 32.13
C VAL A 284 19.97 -13.36 32.01
N ASP A 285 21.00 -14.02 32.55
CA ASP A 285 21.01 -15.48 32.47
C ASP A 285 20.30 -16.12 33.67
N GLU A 286 20.28 -17.45 33.70
CA GLU A 286 19.54 -18.20 34.72
C GLU A 286 20.03 -17.96 36.15
N THR A 287 21.29 -17.55 36.31
CA THR A 287 21.87 -17.25 37.61
C THR A 287 21.69 -15.77 37.96
N LEU A 288 20.95 -15.07 37.09
CA LEU A 288 20.71 -13.63 37.21
C LEU A 288 21.97 -12.78 37.04
N MET A 289 22.94 -13.30 36.28
CA MET A 289 24.06 -12.47 35.84
C MET A 289 23.63 -11.61 34.66
N CYS A 290 23.89 -10.30 34.78
CA CYS A 290 23.55 -9.35 33.74
C CYS A 290 24.78 -8.96 32.93
N SER A 291 24.61 -8.97 31.61
CA SER A 291 25.68 -8.59 30.70
C SER A 291 25.13 -7.68 29.60
N PHE A 292 26.01 -6.96 28.91
CA PHE A 292 25.57 -6.07 27.84
C PHE A 292 26.13 -6.42 26.47
N GLN A 293 25.28 -6.30 25.46
CA GLN A 293 25.69 -6.43 24.08
C GLN A 293 25.39 -5.11 23.40
N ILE A 294 26.34 -4.63 22.61
CA ILE A 294 26.26 -3.30 22.02
C ILE A 294 26.09 -3.42 20.51
N LEU A 295 25.24 -2.55 19.95
CA LEU A 295 25.10 -2.41 18.51
C LEU A 295 25.66 -1.05 18.08
N LYS A 296 26.81 -1.07 17.44
CA LYS A 296 27.50 0.17 17.06
C LYS A 296 27.58 0.35 15.54
N PRO A 297 27.05 1.47 15.02
CA PRO A 297 27.15 1.75 13.59
C PRO A 297 28.61 1.81 13.12
N ALA A 298 28.88 1.12 12.02
CA ALA A 298 30.20 1.10 11.37
C ALA A 298 30.59 2.47 10.85
N ASP A 299 31.90 2.70 10.67
CA ASP A 299 32.41 3.97 10.12
C ASP A 299 32.89 3.77 8.69
N LEU B 6 2.42 12.64 -6.33
CA LEU B 6 2.43 11.26 -6.90
C LEU B 6 3.79 10.93 -7.51
N ASN B 7 4.58 10.10 -6.85
CA ASN B 7 5.91 9.74 -7.36
C ASN B 7 5.85 8.63 -8.41
N LEU B 8 5.53 9.04 -9.64
CA LEU B 8 5.38 8.12 -10.77
C LEU B 8 6.58 7.26 -11.03
N ASP B 9 7.77 7.86 -11.08
CA ASP B 9 8.99 7.10 -11.35
C ASP B 9 9.23 6.01 -10.32
N SER B 10 9.01 6.31 -9.04
CA SER B 10 9.13 5.33 -7.96
C SER B 10 8.13 4.17 -8.12
N ILE B 11 6.89 4.51 -8.44
CA ILE B 11 5.82 3.54 -8.66
C ILE B 11 6.17 2.62 -9.83
N ILE B 12 6.52 3.21 -10.99
CA ILE B 12 6.94 2.43 -12.14
C ILE B 12 8.15 1.54 -11.78
N GLY B 13 9.12 2.11 -11.05
CA GLY B 13 10.31 1.37 -10.65
C GLY B 13 9.95 0.13 -9.86
N ARG B 14 9.04 0.29 -8.90
CA ARG B 14 8.63 -0.84 -8.06
C ARG B 14 7.84 -1.88 -8.85
N LEU B 15 6.98 -1.43 -9.75
CA LEU B 15 6.25 -2.36 -10.65
C LEU B 15 7.19 -3.18 -11.53
N LEU B 16 8.26 -2.55 -12.02
CA LEU B 16 9.20 -3.24 -12.91
C LEU B 16 10.29 -4.04 -12.18
N GLU B 17 10.36 -3.90 -10.85
CA GLU B 17 11.42 -4.52 -10.04
C GLU B 17 11.36 -6.04 -10.11
N VAL B 18 10.17 -6.58 -10.37
CA VAL B 18 9.93 -8.01 -10.44
C VAL B 18 10.21 -8.63 -11.83
N GLN B 19 10.72 -7.84 -12.77
CA GLN B 19 11.02 -8.36 -14.11
C GLN B 19 11.89 -9.61 -14.12
N GLY B 20 12.84 -9.69 -13.18
CA GLY B 20 13.75 -10.83 -13.10
C GLY B 20 13.31 -11.93 -12.14
N SER B 21 12.10 -11.77 -11.59
CA SER B 21 11.59 -12.64 -10.53
C SER B 21 10.79 -13.82 -11.07
N ARG B 22 10.61 -14.84 -10.22
CA ARG B 22 9.77 -15.97 -10.58
C ARG B 22 8.37 -15.44 -10.73
N PRO B 23 7.74 -15.69 -11.90
CA PRO B 23 6.41 -15.13 -12.12
C PRO B 23 5.46 -15.44 -10.98
N GLY B 24 4.66 -14.46 -10.60
CA GLY B 24 3.67 -14.60 -9.53
C GLY B 24 3.92 -13.67 -8.35
N LYS B 25 5.17 -13.24 -8.18
CA LYS B 25 5.49 -12.34 -7.08
C LYS B 25 4.70 -11.04 -7.21
N ASN B 26 4.03 -10.64 -6.11
CA ASN B 26 3.22 -9.41 -6.10
C ASN B 26 4.07 -8.15 -5.97
N VAL B 27 3.57 -7.04 -6.49
CA VAL B 27 4.09 -5.73 -6.15
C VAL B 27 2.94 -5.05 -5.40
N GLN B 28 3.18 -4.70 -4.14
CA GLN B 28 2.13 -4.14 -3.30
C GLN B 28 2.37 -2.64 -3.13
N LEU B 29 1.77 -1.84 -4.02
CA LEU B 29 1.84 -0.36 -3.91
C LEU B 29 0.99 0.07 -2.73
N THR B 30 1.12 1.33 -2.30
CA THR B 30 0.23 1.85 -1.25
C THR B 30 -1.14 2.18 -1.85
N GLU B 31 -2.15 2.15 -0.99
CA GLU B 31 -3.49 2.54 -1.36
C GLU B 31 -3.51 3.95 -1.94
N ASN B 32 -2.79 4.89 -1.32
CA ASN B 32 -2.71 6.28 -1.81
C ASN B 32 -2.05 6.42 -3.17
N GLU B 33 -0.99 5.64 -3.42
CA GLU B 33 -0.38 5.58 -4.76
C GLU B 33 -1.39 5.15 -5.82
N ILE B 34 -2.13 4.08 -5.53
CA ILE B 34 -3.12 3.57 -6.48
C ILE B 34 -4.25 4.57 -6.67
N ARG B 35 -4.76 5.15 -5.58
CA ARG B 35 -5.80 6.17 -5.69
C ARG B 35 -5.27 7.33 -6.56
N GLY B 36 -4.01 7.70 -6.38
CA GLY B 36 -3.35 8.75 -7.16
C GLY B 36 -3.33 8.42 -8.65
N LEU B 37 -2.95 7.19 -8.97
CA LEU B 37 -2.98 6.68 -10.37
C LEU B 37 -4.39 6.79 -10.96
N CYS B 38 -5.41 6.39 -10.21
CA CYS B 38 -6.80 6.46 -10.68
C CYS B 38 -7.26 7.91 -10.91
N LEU B 39 -6.97 8.76 -9.95
CA LEU B 39 -7.40 10.15 -9.98
C LEU B 39 -6.75 10.90 -11.13
N LYS B 40 -5.42 10.78 -11.25
CA LYS B 40 -4.65 11.48 -12.27
C LYS B 40 -4.97 10.96 -13.69
N SER B 41 -5.08 9.65 -13.82
CA SER B 41 -5.43 9.07 -15.13
C SER B 41 -6.86 9.45 -15.54
N ARG B 42 -7.80 9.48 -14.61
CA ARG B 42 -9.16 9.93 -14.92
C ARG B 42 -9.13 11.36 -15.52
N GLU B 43 -8.35 12.27 -14.93
CA GLU B 43 -8.22 13.64 -15.49
C GLU B 43 -7.77 13.61 -16.95
N ILE B 44 -6.74 12.82 -17.23
CA ILE B 44 -6.21 12.69 -18.58
C ILE B 44 -7.24 12.11 -19.55
N PHE B 45 -7.88 10.99 -19.18
CA PHE B 45 -8.93 10.37 -20.03
C PHE B 45 -10.00 11.39 -20.38
N LEU B 46 -10.45 12.16 -19.39
CA LEU B 46 -11.50 13.16 -19.64
C LEU B 46 -11.03 14.33 -20.49
N SER B 47 -9.72 14.62 -20.46
CA SER B 47 -9.15 15.71 -21.24
C SER B 47 -8.97 15.30 -22.71
N GLN B 48 -8.91 14.00 -22.97
CA GLN B 48 -8.74 13.48 -24.32
C GLN B 48 -10.11 13.02 -24.88
N PRO B 49 -10.26 12.92 -26.21
CA PRO B 49 -11.58 12.56 -26.74
C PRO B 49 -12.01 11.13 -26.37
N ILE B 50 -13.32 10.89 -26.34
CA ILE B 50 -13.83 9.51 -26.12
C ILE B 50 -13.56 8.61 -27.33
N LEU B 51 -13.46 9.23 -28.50
CA LEU B 51 -13.07 8.55 -29.73
C LEU B 51 -11.67 9.08 -30.10
N LEU B 52 -10.65 8.29 -29.77
CA LEU B 52 -9.27 8.73 -29.98
C LEU B 52 -8.96 8.80 -31.47
N GLU B 53 -8.18 9.82 -31.86
CA GLU B 53 -7.73 9.92 -33.23
C GLU B 53 -6.21 9.85 -33.20
N LEU B 54 -5.67 8.70 -33.59
CA LEU B 54 -4.29 8.40 -33.34
C LEU B 54 -3.55 8.31 -34.64
N GLU B 55 -2.23 8.40 -34.56
CA GLU B 55 -1.39 8.31 -35.74
C GLU B 55 -0.29 7.29 -35.51
N ALA B 56 0.03 6.55 -36.57
CA ALA B 56 1.18 5.62 -36.59
C ALA B 56 2.50 6.40 -36.44
N PRO B 57 3.57 5.75 -35.94
CA PRO B 57 3.67 4.33 -35.56
C PRO B 57 3.02 4.02 -34.22
N LEU B 58 2.48 2.81 -34.11
CA LEU B 58 1.72 2.42 -32.94
C LEU B 58 1.77 0.91 -32.86
N LYS B 59 1.75 0.41 -31.65
CA LYS B 59 1.63 -1.03 -31.39
CA LYS B 59 1.65 -1.02 -31.39
C LYS B 59 0.31 -1.29 -30.69
N ILE B 60 -0.50 -2.18 -31.26
CA ILE B 60 -1.88 -2.41 -30.75
C ILE B 60 -1.98 -3.78 -30.07
N CYS B 61 -2.50 -3.78 -28.84
CA CYS B 61 -2.58 -4.99 -28.03
C CYS B 61 -3.99 -5.31 -27.60
N GLY B 62 -4.27 -6.61 -27.49
CA GLY B 62 -5.58 -7.09 -27.03
C GLY B 62 -5.58 -7.41 -25.54
N ASP B 63 -6.45 -8.35 -25.14
CA ASP B 63 -6.72 -8.58 -23.70
C ASP B 63 -5.46 -8.93 -22.91
N ILE B 64 -5.42 -8.51 -21.65
CA ILE B 64 -4.33 -8.88 -20.72
C ILE B 64 -4.88 -9.72 -19.57
N HIS B 65 -6.04 -9.34 -19.04
CA HIS B 65 -6.74 -10.10 -17.98
C HIS B 65 -5.85 -10.47 -16.79
N GLY B 66 -5.16 -9.45 -16.27
CA GLY B 66 -4.39 -9.62 -15.04
C GLY B 66 -3.21 -10.56 -15.11
N GLN B 67 -2.80 -10.95 -16.33
CA GLN B 67 -1.59 -11.80 -16.48
C GLN B 67 -0.36 -10.89 -16.50
N TYR B 68 -0.03 -10.37 -15.32
CA TYR B 68 0.96 -9.30 -15.20
C TYR B 68 2.32 -9.64 -15.81
N TYR B 69 2.81 -10.86 -15.60
CA TYR B 69 4.13 -11.22 -16.12
C TYR B 69 4.19 -11.36 -17.65
N ASP B 70 3.06 -11.68 -18.29
CA ASP B 70 2.97 -11.65 -19.75
C ASP B 70 2.99 -10.21 -20.28
N LEU B 71 2.35 -9.30 -19.55
CA LEU B 71 2.43 -7.84 -19.86
C LEU B 71 3.87 -7.34 -19.82
N LEU B 72 4.61 -7.72 -18.79
CA LEU B 72 6.03 -7.37 -18.72
C LEU B 72 6.83 -7.88 -19.93
N ARG B 73 6.57 -9.12 -20.38
CA ARG B 73 7.22 -9.67 -21.56
C ARG B 73 6.79 -8.93 -22.83
N LEU B 74 5.51 -8.58 -22.91
CA LEU B 74 4.98 -7.80 -24.04
CA LEU B 74 5.00 -7.82 -24.05
C LEU B 74 5.82 -6.52 -24.21
N PHE B 75 6.06 -5.83 -23.09
CA PHE B 75 6.87 -4.61 -23.09
C PHE B 75 8.32 -4.88 -23.39
N GLU B 76 8.87 -5.94 -22.80
CA GLU B 76 10.28 -6.29 -23.08
C GLU B 76 10.53 -6.45 -24.57
N TYR B 77 9.66 -7.21 -25.23
CA TYR B 77 9.83 -7.52 -26.63
C TYR B 77 9.32 -6.43 -27.58
N GLY B 78 8.24 -5.76 -27.21
CA GLY B 78 7.65 -4.70 -28.03
C GLY B 78 8.36 -3.37 -27.87
N GLY B 79 9.06 -3.19 -26.74
CA GLY B 79 9.72 -1.94 -26.40
C GLY B 79 8.97 -1.27 -25.25
N PHE B 80 9.67 -1.02 -24.15
CA PHE B 80 9.02 -0.33 -23.02
C PHE B 80 8.74 1.13 -23.45
N PRO B 81 7.57 1.66 -23.06
CA PRO B 81 7.29 3.09 -23.25
C PRO B 81 8.45 3.94 -22.70
N PRO B 82 8.80 5.02 -23.41
CA PRO B 82 8.21 5.52 -24.65
C PRO B 82 8.92 5.06 -25.95
N GLU B 83 9.66 3.95 -25.90
CA GLU B 83 10.37 3.42 -27.07
C GLU B 83 9.42 3.01 -28.20
N SER B 84 8.25 2.51 -27.81
CA SER B 84 7.16 2.23 -28.74
C SER B 84 5.92 2.94 -28.23
N ASN B 85 5.04 3.32 -29.14
CA ASN B 85 3.74 3.87 -28.79
C ASN B 85 2.73 2.75 -28.73
N TYR B 86 1.81 2.81 -27.76
CA TYR B 86 0.88 1.71 -27.50
C TYR B 86 -0.58 2.14 -27.49
N LEU B 87 -1.42 1.29 -28.08
CA LEU B 87 -2.86 1.32 -27.87
C LEU B 87 -3.30 -0.07 -27.37
N PHE B 88 -3.89 -0.12 -26.18
CA PHE B 88 -4.49 -1.39 -25.67
C PHE B 88 -6.00 -1.35 -25.85
N LEU B 89 -6.58 -2.51 -26.14
CA LEU B 89 -8.01 -2.55 -26.52
C LEU B 89 -8.94 -2.93 -25.37
N GLY B 90 -8.43 -2.95 -24.14
CA GLY B 90 -9.27 -3.18 -22.94
C GLY B 90 -9.08 -4.54 -22.30
N ASP B 91 -9.91 -4.83 -21.29
CA ASP B 91 -9.87 -6.11 -20.54
C ASP B 91 -8.50 -6.33 -19.87
N TYR B 92 -8.14 -5.37 -19.01
CA TYR B 92 -6.90 -5.35 -18.22
C TYR B 92 -7.03 -6.18 -16.95
N VAL B 93 -8.25 -6.24 -16.43
CA VAL B 93 -8.53 -6.88 -15.14
C VAL B 93 -9.42 -8.14 -15.24
N ASP B 94 -9.53 -8.86 -14.13
CA ASP B 94 -10.34 -10.07 -14.01
C ASP B 94 -9.63 -11.31 -14.56
N ARG B 95 -10.02 -12.44 -14.00
CA ARG B 95 -9.55 -13.78 -14.41
C ARG B 95 -8.15 -14.13 -13.91
N GLY B 96 -7.18 -13.26 -14.22
CA GLY B 96 -5.82 -13.41 -13.73
C GLY B 96 -5.69 -13.10 -12.25
N LYS B 97 -4.53 -13.44 -11.69
CA LYS B 97 -4.26 -13.24 -10.27
C LYS B 97 -3.68 -11.88 -9.96
N GLN B 98 -3.22 -11.17 -10.99
CA GLN B 98 -2.53 -9.89 -10.77
C GLN B 98 -3.12 -8.73 -11.58
N SER B 99 -4.43 -8.58 -11.48
CA SER B 99 -5.14 -7.46 -12.12
C SER B 99 -4.60 -6.14 -11.57
N LEU B 100 -4.30 -6.07 -10.27
CA LEU B 100 -3.83 -4.80 -9.67
C LEU B 100 -2.53 -4.28 -10.28
N GLU B 101 -1.49 -5.12 -10.30
CA GLU B 101 -0.22 -4.73 -10.90
C GLU B 101 -0.38 -4.34 -12.37
N THR B 102 -1.21 -5.10 -13.08
CA THR B 102 -1.47 -4.86 -14.52
C THR B 102 -2.07 -3.47 -14.73
N ILE B 103 -3.21 -3.21 -14.08
CA ILE B 103 -3.87 -1.92 -14.30
C ILE B 103 -3.00 -0.78 -13.79
N CYS B 104 -2.27 -0.98 -12.69
CA CYS B 104 -1.44 0.08 -12.15
C CYS B 104 -0.31 0.46 -13.06
N LEU B 105 0.38 -0.54 -13.62
CA LEU B 105 1.42 -0.26 -14.61
C LEU B 105 0.89 0.50 -15.84
N LEU B 106 -0.26 0.06 -16.36
CA LEU B 106 -0.87 0.70 -17.52
C LEU B 106 -1.29 2.14 -17.24
N LEU B 107 -1.89 2.38 -16.07
CA LEU B 107 -2.23 3.75 -15.65
C LEU B 107 -1.01 4.63 -15.42
N ALA B 108 0.05 4.07 -14.82
CA ALA B 108 1.29 4.81 -14.63
C ALA B 108 1.85 5.25 -15.97
N TYR B 109 1.85 4.34 -16.95
CA TYR B 109 2.35 4.69 -18.27
C TYR B 109 1.47 5.71 -18.99
N LYS B 110 0.16 5.59 -18.81
CA LYS B 110 -0.82 6.58 -19.35
C LYS B 110 -0.48 7.97 -18.82
N ILE B 111 -0.21 8.07 -17.52
CA ILE B 111 0.07 9.36 -16.91
C ILE B 111 1.46 9.85 -17.34
N LYS B 112 2.42 8.93 -17.46
CA LYS B 112 3.81 9.33 -17.78
C LYS B 112 3.97 9.81 -19.23
N TYR B 113 3.28 9.11 -20.14
CA TYR B 113 3.37 9.36 -21.59
C TYR B 113 1.96 9.53 -22.21
N PRO B 114 1.23 10.59 -21.82
CA PRO B 114 -0.19 10.61 -22.19
C PRO B 114 -0.49 10.79 -23.69
N GLU B 115 0.49 11.24 -24.47
CA GLU B 115 0.34 11.38 -25.95
C GLU B 115 0.96 10.22 -26.74
N ASN B 116 1.48 9.21 -26.01
CA ASN B 116 2.19 8.09 -26.63
C ASN B 116 1.68 6.73 -26.12
N PHE B 117 0.63 6.75 -25.32
CA PHE B 117 0.17 5.56 -24.63
C PHE B 117 -1.32 5.71 -24.42
N PHE B 118 -2.08 4.69 -24.86
CA PHE B 118 -3.54 4.78 -24.89
C PHE B 118 -4.21 3.46 -24.47
N LEU B 119 -5.30 3.61 -23.73
CA LEU B 119 -6.05 2.52 -23.17
C LEU B 119 -7.52 2.69 -23.54
N LEU B 120 -8.10 1.69 -24.21
CA LEU B 120 -9.56 1.68 -24.43
C LEU B 120 -10.25 0.91 -23.32
N ARG B 121 -11.55 1.11 -23.24
CA ARG B 121 -12.39 0.40 -22.30
C ARG B 121 -12.81 -0.98 -22.85
N GLY B 122 -12.59 -2.04 -22.09
CA GLY B 122 -13.16 -3.36 -22.44
C GLY B 122 -14.41 -3.62 -21.63
N ASN B 123 -15.08 -4.74 -21.90
CA ASN B 123 -16.27 -5.07 -21.16
C ASN B 123 -16.00 -5.40 -19.69
N HIS B 124 -14.75 -5.74 -19.36
CA HIS B 124 -14.38 -5.97 -17.96
C HIS B 124 -14.03 -4.73 -17.16
N GLU B 125 -13.90 -3.59 -17.84
CA GLU B 125 -13.72 -2.32 -17.14
C GLU B 125 -15.11 -1.75 -16.82
N CYS B 126 -15.90 -2.55 -16.12
CA CYS B 126 -17.30 -2.27 -15.86
C CYS B 126 -17.60 -2.91 -14.52
N ALA B 127 -18.11 -2.12 -13.57
CA ALA B 127 -18.33 -2.60 -12.20
C ALA B 127 -19.16 -3.88 -12.12
N SER B 128 -20.23 -3.99 -12.91
CA SER B 128 -21.10 -5.17 -12.85
C SER B 128 -20.40 -6.46 -13.31
N ILE B 129 -19.35 -6.31 -14.12
CA ILE B 129 -18.59 -7.46 -14.61
C ILE B 129 -17.42 -7.77 -13.68
N ASN B 130 -16.63 -6.74 -13.37
CA ASN B 130 -15.42 -7.01 -12.57
C ASN B 130 -15.69 -7.18 -11.07
N ARG B 131 -16.93 -6.90 -10.66
CA ARG B 131 -17.42 -7.32 -9.34
C ARG B 131 -17.40 -8.85 -9.20
N ILE B 132 -17.63 -9.54 -10.33
CA ILE B 132 -17.90 -10.98 -10.30
C ILE B 132 -16.76 -11.87 -10.81
N TYR B 133 -15.92 -11.33 -11.70
CA TYR B 133 -14.86 -12.13 -12.35
C TYR B 133 -13.45 -11.96 -11.79
N GLY B 134 -13.33 -11.35 -10.60
CA GLY B 134 -12.09 -11.44 -9.82
C GLY B 134 -11.49 -10.15 -9.32
N PHE B 135 -11.77 -9.05 -10.02
CA PHE B 135 -11.11 -7.80 -9.67
C PHE B 135 -11.53 -7.29 -8.29
N TYR B 136 -12.84 -7.27 -8.02
CA TYR B 136 -13.34 -6.92 -6.70
C TYR B 136 -12.69 -7.76 -5.61
N ASP B 137 -12.63 -9.07 -5.82
CA ASP B 137 -12.03 -9.96 -4.84
C ASP B 137 -10.56 -9.60 -4.55
N GLU B 138 -9.82 -9.29 -5.62
CA GLU B 138 -8.43 -8.88 -5.51
C GLU B 138 -8.26 -7.59 -4.69
N CYS B 139 -9.09 -6.58 -4.98
CA CYS B 139 -9.11 -5.32 -4.21
C CYS B 139 -9.47 -5.54 -2.75
N LYS B 140 -10.51 -6.34 -2.51
CA LYS B 140 -10.96 -6.61 -1.15
C LYS B 140 -9.87 -7.29 -0.33
N ARG B 141 -9.20 -8.27 -0.95
CA ARG B 141 -8.15 -9.02 -0.28
C ARG B 141 -6.91 -8.18 0.00
N ARG B 142 -6.45 -7.46 -1.02
CA ARG B 142 -5.16 -6.76 -0.96
C ARG B 142 -5.22 -5.31 -0.46
N TYR B 143 -6.40 -4.70 -0.59
CA TYR B 143 -6.63 -3.33 -0.15
C TYR B 143 -7.94 -3.25 0.63
N ASN B 144 -8.95 -2.62 0.04
CA ASN B 144 -10.28 -2.58 0.61
C ASN B 144 -11.30 -2.31 -0.51
N ILE B 145 -12.58 -2.35 -0.14
CA ILE B 145 -13.67 -2.19 -1.12
C ILE B 145 -13.74 -0.78 -1.69
N LYS B 146 -13.38 0.19 -0.87
CA LYS B 146 -13.32 1.59 -1.31
C LYS B 146 -12.38 1.81 -2.48
N LEU B 147 -11.28 1.05 -2.52
CA LEU B 147 -10.36 1.16 -3.64
C LEU B 147 -10.99 0.66 -4.94
N TRP B 148 -11.79 -0.39 -4.83
CA TRP B 148 -12.51 -0.95 -5.99
C TRP B 148 -13.48 0.10 -6.57
N LYS B 149 -14.15 0.84 -5.71
CA LYS B 149 -15.01 1.95 -6.15
C LYS B 149 -14.22 3.07 -6.85
N THR B 150 -13.02 3.34 -6.38
CA THR B 150 -12.15 4.34 -7.01
C THR B 150 -11.75 3.89 -8.42
N PHE B 151 -11.41 2.61 -8.57
CA PHE B 151 -11.15 2.05 -9.91
C PHE B 151 -12.37 2.22 -10.81
N THR B 152 -13.57 1.96 -10.29
CA THR B 152 -14.73 2.14 -11.18
C THR B 152 -14.93 3.58 -11.64
N ASP B 153 -14.66 4.55 -10.77
CA ASP B 153 -14.72 5.98 -11.15
C ASP B 153 -13.78 6.23 -12.32
N CYS B 154 -12.59 5.60 -12.27
CA CYS B 154 -11.57 5.74 -13.30
C CYS B 154 -12.00 5.07 -14.61
N PHE B 155 -12.36 3.78 -14.53
CA PHE B 155 -12.80 3.00 -15.70
C PHE B 155 -14.00 3.63 -16.42
N ASN B 156 -14.90 4.24 -15.65
CA ASN B 156 -16.09 4.89 -16.19
C ASN B 156 -15.71 6.06 -17.11
N CYS B 157 -14.43 6.44 -17.12
CA CYS B 157 -13.96 7.55 -17.94
C CYS B 157 -13.06 7.12 -19.12
N LEU B 158 -12.84 5.82 -19.27
CA LEU B 158 -11.98 5.33 -20.37
C LEU B 158 -12.60 5.68 -21.75
N PRO B 159 -11.76 5.99 -22.75
CA PRO B 159 -12.30 6.15 -24.10
C PRO B 159 -12.77 4.80 -24.62
N ILE B 160 -13.61 4.82 -25.64
CA ILE B 160 -14.34 3.61 -26.05
C ILE B 160 -13.93 3.07 -27.42
N ALA B 161 -13.34 3.93 -28.24
CA ALA B 161 -12.86 3.52 -29.56
C ALA B 161 -11.71 4.42 -30.02
N ALA B 162 -10.97 3.97 -31.04
CA ALA B 162 -9.91 4.77 -31.65
C ALA B 162 -9.94 4.58 -33.15
N ILE B 163 -9.56 5.64 -33.88
CA ILE B 163 -9.29 5.55 -35.30
C ILE B 163 -7.84 5.91 -35.54
N VAL B 164 -7.10 4.99 -36.15
CA VAL B 164 -5.68 5.19 -36.42
C VAL B 164 -5.52 5.66 -37.89
N ASP B 165 -4.92 6.83 -38.08
CA ASP B 165 -4.71 7.47 -39.39
C ASP B 165 -5.91 7.43 -40.34
N GLU B 166 -7.10 7.63 -39.77
CA GLU B 166 -8.36 7.71 -40.52
C GLU B 166 -8.71 6.39 -41.26
N LYS B 167 -8.05 5.29 -40.87
CA LYS B 167 -8.15 4.03 -41.61
C LYS B 167 -8.37 2.75 -40.79
N ILE B 168 -7.99 2.74 -39.51
CA ILE B 168 -8.17 1.53 -38.71
C ILE B 168 -9.09 1.87 -37.56
N PHE B 169 -10.28 1.28 -37.53
CA PHE B 169 -11.22 1.49 -36.44
C PHE B 169 -10.98 0.43 -35.35
N CYS B 170 -10.76 0.90 -34.11
CA CYS B 170 -10.37 0.03 -33.00
C CYS B 170 -11.34 0.14 -31.85
N CYS B 171 -11.76 -1.02 -31.35
CA CYS B 171 -12.62 -1.09 -30.16
C CYS B 171 -12.46 -2.47 -29.56
N HIS B 172 -12.98 -2.68 -28.35
CA HIS B 172 -12.75 -3.95 -27.71
C HIS B 172 -13.57 -5.06 -28.34
N GLY B 173 -14.87 -4.84 -28.49
CA GLY B 173 -15.78 -5.87 -28.95
C GLY B 173 -15.99 -5.81 -30.44
N GLY B 174 -16.86 -4.91 -30.90
CA GLY B 174 -17.06 -4.86 -32.32
C GLY B 174 -18.09 -3.82 -32.71
N LEU B 175 -18.73 -4.08 -33.83
CA LEU B 175 -19.65 -3.12 -34.42
C LEU B 175 -21.00 -3.17 -33.70
N SER B 176 -21.88 -2.23 -34.04
CA SER B 176 -23.20 -2.10 -33.42
C SER B 176 -24.16 -1.86 -34.57
N PRO B 177 -25.34 -2.50 -34.54
CA PRO B 177 -26.35 -2.21 -35.58
C PRO B 177 -26.85 -0.78 -35.53
N ASP B 178 -26.58 -0.08 -34.43
CA ASP B 178 -27.04 1.30 -34.23
C ASP B 178 -26.04 2.34 -34.72
N LEU B 179 -24.81 1.90 -35.03
CA LEU B 179 -23.74 2.84 -35.36
C LEU B 179 -23.79 3.27 -36.83
N GLN B 180 -24.23 4.49 -37.05
CA GLN B 180 -24.36 5.07 -38.38
C GLN B 180 -23.37 6.19 -38.59
N SER B 181 -23.10 6.95 -37.53
CA SER B 181 -22.18 8.09 -37.55
C SER B 181 -21.22 8.02 -36.36
N MET B 182 -19.95 8.36 -36.59
CA MET B 182 -18.99 8.45 -35.47
C MET B 182 -19.43 9.46 -34.41
N GLU B 183 -20.30 10.40 -34.79
CA GLU B 183 -20.83 11.38 -33.83
C GLU B 183 -21.59 10.69 -32.69
N GLN B 184 -22.17 9.52 -32.98
CA GLN B 184 -22.87 8.75 -31.96
C GLN B 184 -21.94 8.29 -30.86
N ILE B 185 -20.67 8.04 -31.20
CA ILE B 185 -19.65 7.75 -30.19
C ILE B 185 -19.17 9.02 -29.51
N ARG B 186 -18.88 10.06 -30.30
CA ARG B 186 -18.31 11.30 -29.77
C ARG B 186 -19.22 12.00 -28.76
N ARG B 187 -20.54 11.86 -28.95
CA ARG B 187 -21.49 12.52 -28.05
C ARG B 187 -21.70 11.81 -26.71
N ILE B 188 -21.13 10.62 -26.53
CA ILE B 188 -21.28 9.88 -25.25
C ILE B 188 -20.54 10.64 -24.14
N MET B 189 -21.28 10.97 -23.09
CA MET B 189 -20.75 11.72 -21.96
C MET B 189 -20.15 10.81 -20.90
N ARG B 190 -19.04 11.25 -20.31
CA ARG B 190 -18.36 10.48 -19.24
C ARG B 190 -18.30 11.29 -17.96
N PRO B 191 -18.27 10.63 -16.79
CA PRO B 191 -18.27 9.15 -16.64
C PRO B 191 -19.62 8.53 -17.00
N THR B 192 -19.56 7.28 -17.41
CA THR B 192 -20.74 6.51 -17.72
C THR B 192 -20.49 5.04 -17.34
N ASP B 193 -21.55 4.36 -16.93
CA ASP B 193 -21.55 2.89 -16.83
C ASP B 193 -21.78 2.30 -18.23
N VAL B 194 -21.54 1.01 -18.39
CA VAL B 194 -21.87 0.32 -19.64
C VAL B 194 -23.29 -0.22 -19.53
N PRO B 195 -24.18 0.21 -20.44
CA PRO B 195 -25.57 -0.24 -20.43
C PRO B 195 -25.71 -1.72 -20.85
N ASP B 196 -26.88 -2.30 -20.57
CA ASP B 196 -27.17 -3.70 -20.91
C ASP B 196 -27.38 -3.95 -22.40
N GLN B 197 -27.66 -2.88 -23.13
CA GLN B 197 -27.81 -2.93 -24.57
C GLN B 197 -27.55 -1.55 -25.12
N GLY B 198 -27.44 -1.48 -26.44
CA GLY B 198 -27.22 -0.22 -27.13
C GLY B 198 -25.81 -0.09 -27.66
N LEU B 199 -25.53 1.06 -28.28
CA LEU B 199 -24.25 1.34 -28.92
C LEU B 199 -23.03 1.04 -28.04
N LEU B 200 -22.99 1.65 -26.84
CA LEU B 200 -21.82 1.48 -25.94
C LEU B 200 -21.60 0.01 -25.53
N CYS B 201 -22.68 -0.67 -25.20
CA CYS B 201 -22.66 -2.11 -24.96
C CYS B 201 -22.02 -2.87 -26.13
N ASP B 202 -22.55 -2.65 -27.34
CA ASP B 202 -22.10 -3.36 -28.55
C ASP B 202 -20.62 -3.16 -28.82
N LEU B 203 -20.16 -1.92 -28.71
CA LEU B 203 -18.74 -1.62 -28.94
C LEU B 203 -17.82 -2.47 -28.05
N LEU B 204 -18.34 -2.84 -26.88
CA LEU B 204 -17.52 -3.54 -25.89
C LEU B 204 -17.80 -5.05 -25.85
N TRP B 205 -18.89 -5.50 -26.50
CA TRP B 205 -19.37 -6.88 -26.34
C TRP B 205 -19.57 -7.71 -27.63
N SER B 206 -19.78 -7.06 -28.77
CA SER B 206 -20.17 -7.81 -29.97
C SER B 206 -19.01 -8.67 -30.52
N ASP B 207 -19.36 -9.65 -31.35
CA ASP B 207 -18.36 -10.58 -31.93
C ASP B 207 -18.63 -10.78 -33.41
N PRO B 208 -17.57 -10.97 -34.21
CA PRO B 208 -17.84 -11.34 -35.59
C PRO B 208 -18.21 -12.82 -35.64
N ASP B 209 -18.98 -13.23 -36.66
CA ASP B 209 -19.37 -14.63 -36.80
C ASP B 209 -19.44 -15.02 -38.29
N LYS B 210 -18.76 -16.12 -38.62
CA LYS B 210 -18.64 -16.63 -40.00
C LYS B 210 -19.97 -17.13 -40.56
N ASP B 211 -20.89 -17.51 -39.68
CA ASP B 211 -22.12 -18.16 -40.13
C ASP B 211 -23.34 -17.25 -40.17
N VAL B 212 -23.22 -16.05 -39.64
CA VAL B 212 -24.34 -15.11 -39.62
C VAL B 212 -24.33 -14.23 -40.88
N GLN B 213 -25.53 -13.99 -41.40
CA GLN B 213 -25.73 -13.00 -42.45
C GLN B 213 -26.43 -11.82 -41.79
N GLY B 214 -25.71 -10.72 -41.66
CA GLY B 214 -26.23 -9.55 -40.98
C GLY B 214 -25.88 -9.60 -39.51
N TRP B 215 -26.90 -9.38 -38.69
CA TRP B 215 -26.80 -9.35 -37.24
C TRP B 215 -27.51 -10.56 -36.64
N GLY B 216 -26.88 -11.16 -35.63
CA GLY B 216 -27.43 -12.33 -34.96
C GLY B 216 -27.36 -12.16 -33.46
N GLU B 217 -27.99 -13.07 -32.72
CA GLU B 217 -28.00 -13.04 -31.25
C GLU B 217 -26.66 -13.58 -30.76
N ASN B 218 -26.12 -12.98 -29.72
CA ASN B 218 -24.81 -13.39 -29.24
C ASN B 218 -24.94 -14.43 -28.11
N ASP B 219 -24.19 -15.53 -28.24
CA ASP B 219 -24.17 -16.65 -27.26
C ASP B 219 -23.77 -16.20 -25.85
N ARG B 220 -23.16 -15.02 -25.75
CA ARG B 220 -22.80 -14.46 -24.45
C ARG B 220 -24.02 -14.00 -23.66
N GLY B 221 -25.17 -13.86 -24.32
CA GLY B 221 -26.39 -13.33 -23.70
C GLY B 221 -26.46 -11.80 -23.68
N VAL B 222 -25.48 -11.17 -24.30
CA VAL B 222 -25.34 -9.73 -24.36
C VAL B 222 -24.98 -9.36 -25.81
N SER B 223 -25.58 -8.29 -26.33
CA SER B 223 -25.18 -7.72 -27.62
C SER B 223 -25.49 -8.68 -28.77
N PHE B 224 -24.65 -8.64 -29.81
CA PHE B 224 -24.93 -9.29 -31.09
C PHE B 224 -23.68 -9.92 -31.69
N THR B 225 -23.91 -10.70 -32.75
CA THR B 225 -22.87 -11.10 -33.68
C THR B 225 -23.12 -10.40 -35.01
N PHE B 226 -22.05 -10.18 -35.78
CA PHE B 226 -22.17 -9.56 -37.08
C PHE B 226 -21.37 -10.34 -38.09
N GLY B 227 -21.83 -10.33 -39.35
CA GLY B 227 -21.18 -11.08 -40.42
C GLY B 227 -20.24 -10.25 -41.25
N ALA B 228 -19.64 -10.89 -42.25
CA ALA B 228 -18.60 -10.27 -43.07
C ALA B 228 -19.12 -9.14 -43.95
N GLU B 229 -20.36 -9.26 -44.46
CA GLU B 229 -20.95 -8.19 -45.23
C GLU B 229 -21.21 -6.94 -44.37
N VAL B 230 -21.57 -7.12 -43.11
CA VAL B 230 -21.66 -5.99 -42.18
C VAL B 230 -20.32 -5.25 -42.10
N VAL B 231 -19.24 -6.01 -41.95
CA VAL B 231 -17.89 -5.41 -41.93
C VAL B 231 -17.61 -4.61 -43.21
N ALA B 232 -17.87 -5.22 -44.37
CA ALA B 232 -17.61 -4.58 -45.66
C ALA B 232 -18.37 -3.26 -45.80
N LYS B 233 -19.65 -3.30 -45.44
CA LYS B 233 -20.52 -2.12 -45.55
C LYS B 233 -20.05 -0.96 -44.65
N PHE B 234 -19.69 -1.29 -43.41
CA PHE B 234 -19.20 -0.32 -42.44
C PHE B 234 -17.91 0.31 -42.93
N LEU B 235 -16.96 -0.51 -43.38
CA LEU B 235 -15.70 0.03 -43.90
C LEU B 235 -15.89 0.96 -45.10
N HIS B 236 -16.72 0.55 -46.05
CA HIS B 236 -17.00 1.36 -47.23
C HIS B 236 -17.67 2.69 -46.85
N LYS B 237 -18.64 2.63 -45.94
CA LYS B 237 -19.38 3.84 -45.52
C LYS B 237 -18.48 4.91 -44.90
N HIS B 238 -17.52 4.46 -44.09
CA HIS B 238 -16.69 5.38 -43.31
C HIS B 238 -15.31 5.57 -43.90
N ASP B 239 -15.09 5.00 -45.11
CA ASP B 239 -13.80 5.12 -45.81
C ASP B 239 -12.64 4.60 -44.93
N LEU B 240 -12.91 3.50 -44.25
CA LEU B 240 -11.92 2.82 -43.41
C LEU B 240 -11.40 1.56 -44.10
N ASP B 241 -10.26 1.05 -43.67
CA ASP B 241 -9.64 -0.12 -44.29
C ASP B 241 -9.73 -1.36 -43.40
N LEU B 242 -9.80 -1.16 -42.09
CA LEU B 242 -9.64 -2.28 -41.17
C LEU B 242 -10.36 -2.02 -39.85
N ILE B 243 -11.00 -3.05 -39.32
CA ILE B 243 -11.44 -3.05 -37.93
C ILE B 243 -10.44 -3.88 -37.12
N CYS B 244 -9.97 -3.31 -36.02
CA CYS B 244 -9.10 -4.01 -35.11
C CYS B 244 -9.80 -4.12 -33.76
N ARG B 245 -9.97 -5.32 -33.26
CA ARG B 245 -10.73 -5.55 -32.02
C ARG B 245 -10.10 -6.73 -31.24
N ALA B 246 -10.65 -7.05 -30.07
CA ALA B 246 -10.02 -8.06 -29.21
C ALA B 246 -11.12 -8.99 -28.75
N HIS B 247 -11.22 -9.25 -27.45
CA HIS B 247 -12.47 -9.80 -26.84
C HIS B 247 -12.64 -11.31 -27.03
N GLN B 248 -11.96 -11.92 -28.00
CA GLN B 248 -12.03 -13.38 -28.12
C GLN B 248 -10.63 -14.01 -28.19
N VAL B 249 -10.47 -15.13 -27.49
CA VAL B 249 -9.21 -15.89 -27.54
C VAL B 249 -9.06 -16.42 -28.94
N VAL B 250 -7.87 -16.22 -29.54
CA VAL B 250 -7.59 -16.74 -30.87
C VAL B 250 -6.22 -17.41 -30.78
N GLU B 251 -6.08 -18.58 -31.39
CA GLU B 251 -4.93 -19.49 -31.14
C GLU B 251 -3.56 -18.86 -31.40
N ASP B 252 -3.45 -18.13 -32.50
CA ASP B 252 -2.15 -17.56 -32.91
C ASP B 252 -1.90 -16.19 -32.29
N GLY B 253 -2.89 -15.68 -31.57
CA GLY B 253 -2.80 -14.38 -30.93
C GLY B 253 -3.43 -13.29 -31.78
N TYR B 254 -3.48 -13.51 -33.09
CA TYR B 254 -4.23 -12.67 -34.02
C TYR B 254 -5.03 -13.59 -34.94
N GLU B 255 -6.12 -13.08 -35.50
CA GLU B 255 -6.87 -13.89 -36.46
C GLU B 255 -7.70 -12.98 -37.34
N PHE B 256 -7.58 -13.15 -38.65
CA PHE B 256 -8.35 -12.32 -39.58
C PHE B 256 -9.78 -12.81 -39.72
N PHE B 257 -10.66 -11.91 -40.16
CA PHE B 257 -12.07 -12.17 -40.47
C PHE B 257 -12.44 -11.33 -41.69
N ALA B 258 -13.36 -11.83 -42.50
CA ALA B 258 -13.86 -11.11 -43.69
C ALA B 258 -12.70 -10.78 -44.62
N LYS B 259 -12.01 -11.84 -45.01
CA LYS B 259 -10.71 -11.76 -45.68
C LYS B 259 -9.72 -11.14 -44.69
N ARG B 260 -9.29 -9.91 -44.93
CA ARG B 260 -8.44 -9.21 -43.95
C ARG B 260 -9.05 -7.86 -43.53
N GLN B 261 -10.36 -7.74 -43.64
CA GLN B 261 -11.06 -6.51 -43.27
C GLN B 261 -11.23 -6.34 -41.77
N LEU B 262 -11.11 -7.44 -41.02
CA LEU B 262 -11.16 -7.37 -39.56
C LEU B 262 -10.10 -8.28 -38.98
N VAL B 263 -9.47 -7.82 -37.90
CA VAL B 263 -8.54 -8.63 -37.14
C VAL B 263 -8.90 -8.62 -35.67
N THR B 264 -8.85 -9.81 -35.07
CA THR B 264 -8.97 -9.96 -33.62
C THR B 264 -7.56 -10.12 -33.06
N LEU B 265 -7.27 -9.36 -32.01
CA LEU B 265 -6.00 -9.45 -31.30
C LEU B 265 -6.23 -9.88 -29.85
N PHE B 266 -5.36 -10.74 -29.34
CA PHE B 266 -5.50 -11.21 -27.97
C PHE B 266 -4.11 -11.34 -27.38
N SER B 267 -3.86 -10.69 -26.24
CA SER B 267 -2.48 -10.53 -25.77
C SER B 267 -2.19 -11.24 -24.44
N ALA B 268 -3.06 -12.18 -24.05
CA ALA B 268 -2.85 -13.00 -22.87
C ALA B 268 -2.55 -14.42 -23.29
N PRO B 269 -1.26 -14.80 -23.35
CA PRO B 269 -0.88 -16.18 -23.76
C PRO B 269 -1.42 -17.23 -22.79
N ASN B 270 -1.65 -18.44 -23.30
CA ASN B 270 -2.17 -19.52 -22.46
C ASN B 270 -3.23 -18.99 -21.48
N TYR B 271 -4.21 -18.29 -22.05
CA TYR B 271 -5.23 -17.53 -21.34
C TYR B 271 -5.79 -18.26 -20.12
N CYS B 272 -5.62 -17.64 -18.95
CA CYS B 272 -5.95 -18.20 -17.63
C CYS B 272 -5.65 -19.70 -17.38
N GLY B 273 -4.56 -20.17 -18.01
CA GLY B 273 -4.12 -21.56 -17.88
C GLY B 273 -5.07 -22.60 -18.46
N GLU B 274 -6.03 -22.12 -19.25
CA GLU B 274 -7.07 -22.99 -19.82
C GLU B 274 -6.92 -23.18 -21.34
N PHE B 275 -6.15 -22.32 -21.99
CA PHE B 275 -5.96 -22.39 -23.44
C PHE B 275 -4.46 -22.47 -23.74
N ASP B 276 -4.09 -22.94 -24.93
CA ASP B 276 -2.67 -22.91 -25.34
C ASP B 276 -2.37 -21.88 -26.45
N ASN B 277 -3.07 -20.75 -26.37
CA ASN B 277 -2.91 -19.70 -27.36
C ASN B 277 -1.64 -18.89 -27.13
N ALA B 278 -1.12 -18.32 -28.22
CA ALA B 278 -0.12 -17.28 -28.13
C ALA B 278 -0.83 -15.93 -27.93
N GLY B 279 -0.08 -14.94 -27.50
CA GLY B 279 -0.55 -13.57 -27.54
C GLY B 279 0.06 -12.90 -28.75
N ALA B 280 -0.53 -11.78 -29.18
CA ALA B 280 0.06 -11.03 -30.28
C ALA B 280 -0.15 -9.54 -30.09
N MET B 281 0.69 -8.77 -30.76
CA MET B 281 0.44 -7.35 -30.95
C MET B 281 0.61 -6.98 -32.41
N MET B 282 -0.14 -5.98 -32.85
CA MET B 282 -0.05 -5.56 -34.24
C MET B 282 0.64 -4.20 -34.30
N SER B 283 1.74 -4.13 -35.05
CA SER B 283 2.49 -2.88 -35.24
C SER B 283 1.97 -2.22 -36.49
N VAL B 284 1.79 -0.91 -36.43
CA VAL B 284 1.44 -0.16 -37.63
C VAL B 284 2.55 0.86 -37.81
N ASP B 285 3.24 0.84 -38.95
CA ASP B 285 4.29 1.82 -39.18
C ASP B 285 3.79 3.07 -39.93
N GLU B 286 4.70 4.01 -40.19
CA GLU B 286 4.35 5.31 -40.77
C GLU B 286 3.77 5.21 -42.18
N THR B 287 4.09 4.12 -42.89
CA THR B 287 3.54 3.88 -44.24
C THR B 287 2.21 3.12 -44.16
N LEU B 288 1.75 2.87 -42.93
CA LEU B 288 0.52 2.08 -42.64
C LEU B 288 0.67 0.60 -42.99
N MET B 289 1.92 0.11 -42.93
CA MET B 289 2.15 -1.31 -43.01
C MET B 289 1.88 -1.90 -41.66
N CYS B 290 1.07 -2.96 -41.67
CA CYS B 290 0.67 -3.69 -40.47
C CYS B 290 1.45 -5.00 -40.40
N SER B 291 2.00 -5.28 -39.22
CA SER B 291 2.78 -6.51 -38.99
C SER B 291 2.38 -7.10 -37.63
N PHE B 292 2.68 -8.38 -37.42
CA PHE B 292 2.38 -9.02 -36.13
C PHE B 292 3.62 -9.54 -35.42
N GLN B 293 3.61 -9.37 -34.10
CA GLN B 293 4.65 -9.91 -33.24
C GLN B 293 3.93 -10.85 -32.29
N ILE B 294 4.52 -12.02 -32.09
CA ILE B 294 3.84 -13.07 -31.33
C ILE B 294 4.58 -13.28 -30.00
N LEU B 295 3.80 -13.47 -28.94
CA LEU B 295 4.33 -13.85 -27.65
C LEU B 295 3.88 -15.28 -27.34
N LYS B 296 4.80 -16.24 -27.48
CA LYS B 296 4.45 -17.66 -27.34
C LYS B 296 5.14 -18.33 -26.15
N PRO B 297 4.35 -18.92 -25.23
CA PRO B 297 4.92 -19.69 -24.11
C PRO B 297 5.95 -20.74 -24.54
N ALA B 298 7.08 -20.77 -23.84
CA ALA B 298 8.15 -21.74 -24.05
C ALA B 298 7.63 -23.12 -23.72
N ASP B 299 8.21 -24.14 -24.37
CA ASP B 299 7.81 -25.53 -24.17
C ASP B 299 8.22 -25.98 -22.77
N PRO C 11 23.23 -4.23 -5.76
CA PRO C 11 24.08 -5.38 -5.46
C PRO C 11 24.61 -5.33 -4.02
N TYR C 12 23.76 -4.93 -3.09
CA TYR C 12 24.15 -4.74 -1.70
C TYR C 12 24.54 -6.03 -0.98
N GLU C 13 25.67 -5.97 -0.26
CA GLU C 13 26.20 -7.10 0.51
C GLU C 13 26.41 -6.71 1.98
N PRO C 14 25.39 -6.96 2.83
CA PRO C 14 25.51 -6.61 4.25
C PRO C 14 26.64 -7.40 4.90
N GLU C 15 27.36 -6.77 5.82
CA GLU C 15 28.42 -7.47 6.52
C GLU C 15 28.30 -7.34 8.02
N SER C 16 28.66 -8.42 8.70
CA SER C 16 28.52 -8.52 10.13
C SER C 16 29.85 -8.83 10.79
N GLY C 17 29.97 -8.42 12.04
CA GLY C 17 31.17 -8.64 12.80
C GLY C 17 31.00 -8.27 14.26
N CYS C 18 32.00 -8.65 15.05
CA CYS C 18 31.97 -8.51 16.49
C CYS C 18 33.36 -8.08 16.98
N VAL C 19 33.39 -7.04 17.80
CA VAL C 19 34.60 -6.59 18.48
C VAL C 19 34.34 -6.65 19.99
N GLU C 20 35.37 -6.96 20.76
CA GLU C 20 35.29 -6.96 22.21
C GLU C 20 35.99 -5.73 22.79
N ILE C 21 35.38 -5.17 23.83
CA ILE C 21 35.91 -4.03 24.55
C ILE C 21 35.95 -4.41 26.03
N PRO C 22 36.69 -3.62 26.86
CA PRO C 22 36.67 -3.90 28.30
C PRO C 22 35.26 -4.01 28.85
N GLY C 23 35.06 -5.00 29.71
CA GLY C 23 33.77 -5.20 30.36
C GLY C 23 33.52 -4.25 31.51
N LEU C 24 32.40 -4.49 32.20
CA LEU C 24 32.06 -3.77 33.41
C LEU C 24 33.14 -3.97 34.47
N SER C 25 33.46 -2.88 35.17
CA SER C 25 34.44 -2.92 36.25
CA SER C 25 34.42 -2.91 36.26
C SER C 25 33.91 -3.75 37.41
N GLU C 26 34.82 -4.35 38.18
CA GLU C 26 34.42 -4.98 39.43
C GLU C 26 33.91 -3.84 40.31
N GLU C 27 32.82 -4.07 41.04
CA GLU C 27 32.30 -3.05 41.92
C GLU C 27 32.78 -3.24 43.36
N GLU C 28 32.84 -2.13 44.10
CA GLU C 28 33.24 -2.17 45.50
C GLU C 28 32.09 -2.66 46.37
N ASP C 29 32.36 -3.69 47.18
CA ASP C 29 31.44 -4.25 48.18
C ASP C 29 29.94 -4.20 47.80
N PRO C 30 29.48 -5.16 46.98
CA PRO C 30 28.05 -5.18 46.67
C PRO C 30 27.27 -5.90 47.76
N ALA C 31 26.07 -5.38 48.08
CA ALA C 31 25.27 -5.91 49.19
C ALA C 31 25.12 -7.44 49.09
N PRO C 32 25.32 -8.14 50.23
CA PRO C 32 25.27 -9.62 50.25
C PRO C 32 23.89 -10.16 49.88
N SER C 33 22.85 -9.37 50.13
CA SER C 33 21.48 -9.77 49.86
C SER C 33 21.07 -9.54 48.40
N ARG C 34 21.92 -8.88 47.61
CA ARG C 34 21.65 -8.69 46.17
C ARG C 34 21.77 -10.04 45.42
N LYS C 35 20.76 -10.38 44.63
CA LYS C 35 20.71 -11.64 43.90
C LYS C 35 21.33 -11.54 42.51
N ILE C 36 21.03 -10.44 41.82
CA ILE C 36 21.64 -10.19 40.53
C ILE C 36 23.10 -9.80 40.70
N HIS C 37 23.90 -10.05 39.66
CA HIS C 37 25.29 -9.65 39.63
C HIS C 37 25.61 -9.27 38.19
N PHE C 38 26.74 -8.61 38.01
CA PHE C 38 27.13 -8.10 36.70
C PHE C 38 28.41 -8.76 36.20
N SER C 39 28.38 -9.19 34.94
CA SER C 39 29.54 -9.79 34.28
C SER C 39 30.72 -8.83 34.19
N THR C 40 31.93 -9.34 34.41
CA THR C 40 33.16 -8.56 34.20
C THR C 40 33.82 -8.92 32.86
N ALA C 41 33.19 -9.86 32.13
CA ALA C 41 33.73 -10.34 30.85
C ALA C 41 33.69 -9.21 29.81
N PRO C 42 34.52 -9.32 28.74
CA PRO C 42 34.52 -8.29 27.71
C PRO C 42 33.13 -8.09 27.13
N ILE C 43 32.83 -6.86 26.71
CA ILE C 43 31.53 -6.55 26.13
C ILE C 43 31.64 -6.73 24.62
N GLN C 44 30.67 -7.46 24.06
CA GLN C 44 30.60 -7.68 22.63
C GLN C 44 30.03 -6.44 21.97
N VAL C 45 30.79 -5.88 21.03
CA VAL C 45 30.31 -4.75 20.26
C VAL C 45 30.07 -5.26 18.85
N PHE C 46 28.80 -5.36 18.48
CA PHE C 46 28.44 -5.85 17.15
C PHE C 46 28.26 -4.70 16.18
N SER C 47 28.55 -4.96 14.90
CA SER C 47 28.47 -3.96 13.86
C SER C 47 27.08 -3.85 13.23
N THR C 48 26.52 -2.64 13.22
CA THR C 48 25.31 -2.36 12.43
C THR C 48 25.67 -1.36 11.31
N TYR C 49 24.67 -0.97 10.52
CA TYR C 49 24.89 -0.15 9.34
C TYR C 49 25.47 1.22 9.66
N SER C 50 26.33 1.70 8.76
CA SER C 50 26.84 3.05 8.83
C SER C 50 25.72 4.00 8.46
N ASN C 51 25.90 5.30 8.73
CA ASN C 51 24.94 6.31 8.31
C ASN C 51 24.84 6.43 6.80
N GLU C 52 25.95 6.23 6.11
CA GLU C 52 25.97 6.22 4.64
C GLU C 52 25.11 5.07 4.08
N ASP C 53 25.21 3.90 4.72
CA ASP C 53 24.43 2.73 4.32
C ASP C 53 22.97 2.78 4.75
N TYR C 54 22.74 3.43 5.88
CA TYR C 54 21.41 3.53 6.46
C TYR C 54 21.14 4.94 6.92
N ASP C 55 20.46 5.72 6.10
CA ASP C 55 20.07 7.07 6.47
C ASP C 55 18.93 6.99 7.48
N ARG C 56 19.24 7.23 8.75
CA ARG C 56 18.24 7.18 9.82
C ARG C 56 17.49 8.52 10.01
N ARG C 57 17.93 9.58 9.33
CA ARG C 57 17.21 10.86 9.38
C ARG C 57 15.80 10.72 8.81
N ASN C 58 14.89 11.56 9.31
CA ASN C 58 13.53 11.63 8.78
C ASN C 58 13.02 13.07 8.84
N GLU C 59 13.18 13.78 7.73
CA GLU C 59 12.80 15.20 7.65
C GLU C 59 11.28 15.43 7.57
N ASP C 60 10.51 14.35 7.42
CA ASP C 60 9.06 14.44 7.21
C ASP C 60 8.24 14.63 8.48
N VAL C 61 8.87 14.46 9.63
CA VAL C 61 8.24 14.72 10.92
C VAL C 61 8.07 16.22 11.14
N ASP C 62 6.85 16.63 11.43
CA ASP C 62 6.51 18.05 11.60
C ASP C 62 5.50 18.15 12.73
N PRO C 63 5.98 18.14 14.00
CA PRO C 63 5.08 18.20 15.15
C PRO C 63 4.15 19.41 15.17
N MET C 64 4.61 20.55 14.64
CA MET C 64 3.79 21.77 14.64
C MET C 64 2.56 21.62 13.74
N ALA C 65 2.76 21.10 12.52
CA ALA C 65 1.67 20.85 11.58
C ALA C 65 0.74 19.74 12.08
N ALA C 66 1.33 18.67 12.61
CA ALA C 66 0.58 17.57 13.17
C ALA C 66 -0.36 18.02 14.30
N SER C 67 0.14 18.80 15.24
CA SER C 67 -0.70 19.26 16.36
C SER C 67 -1.81 20.19 15.88
N ALA C 68 -1.52 21.00 14.87
CA ALA C 68 -2.52 21.88 14.27
C ALA C 68 -3.67 21.08 13.63
N GLU C 69 -3.32 20.05 12.86
CA GLU C 69 -4.30 19.11 12.31
C GLU C 69 -5.11 18.39 13.42
N TYR C 70 -4.41 17.94 14.46
CA TYR C 70 -5.02 17.18 15.55
C TYR C 70 -6.11 17.96 16.33
N GLU C 71 -5.86 19.22 16.65
CA GLU C 71 -6.87 20.04 17.33
C GLU C 71 -8.18 20.07 16.54
N LEU C 72 -8.05 20.25 15.22
CA LEU C 72 -9.19 20.23 14.30
C LEU C 72 -9.91 18.88 14.29
N GLU C 73 -9.13 17.78 14.28
CA GLU C 73 -9.67 16.42 14.27
C GLU C 73 -10.48 16.06 15.51
N LYS C 74 -10.11 16.67 16.64
CA LYS C 74 -10.72 16.36 17.93
C LYS C 74 -12.17 16.84 17.98
N ARG C 75 -12.45 17.93 17.27
CA ARG C 75 -13.79 18.51 17.18
C ARG C 75 -14.73 17.71 16.27
N VAL C 76 -14.18 17.13 15.20
CA VAL C 76 -14.98 16.41 14.23
C VAL C 76 -15.56 15.10 14.79
N GLU C 77 -14.84 14.46 15.71
CA GLU C 77 -15.33 13.21 16.32
C GLU C 77 -16.38 13.46 17.41
N ARG C 78 -16.59 14.74 17.74
CA ARG C 78 -17.75 15.14 18.52
C ARG C 78 -18.99 15.30 17.63
N LEU C 79 -18.75 15.44 16.32
CA LEU C 79 -19.82 15.51 15.33
C LEU C 79 -20.30 14.11 14.95
N GLU C 80 -21.58 13.99 14.61
CA GLU C 80 -22.11 12.75 14.05
C GLU C 80 -21.87 12.78 12.54
N LEU C 81 -21.24 11.73 12.04
CA LEU C 81 -20.86 11.65 10.63
C LEU C 81 -21.88 10.85 9.82
N PHE C 82 -22.22 11.36 8.64
CA PHE C 82 -23.14 10.66 7.74
C PHE C 82 -22.73 10.77 6.27
N PRO C 83 -22.76 9.63 5.55
CA PRO C 83 -22.39 9.65 4.12
C PRO C 83 -23.47 10.30 3.28
N VAL C 84 -23.06 11.05 2.25
CA VAL C 84 -23.97 11.61 1.26
C VAL C 84 -23.42 11.27 -0.13
N GLU C 85 -24.30 10.94 -1.06
CA GLU C 85 -23.90 10.74 -2.45
C GLU C 85 -24.67 11.71 -3.35
N LEU C 86 -23.94 12.51 -4.13
CA LEU C 86 -24.53 13.49 -5.04
C LEU C 86 -24.20 13.19 -6.50
N GLU C 87 -25.18 13.36 -7.37
CA GLU C 87 -24.95 13.32 -8.81
C GLU C 87 -24.46 14.69 -9.28
N LYS C 88 -23.22 14.74 -9.77
CA LYS C 88 -22.66 15.98 -10.27
C LYS C 88 -23.13 16.19 -11.71
N ASP C 89 -23.92 17.24 -11.91
CA ASP C 89 -24.40 17.59 -13.25
C ASP C 89 -23.62 18.76 -13.84
N SER C 90 -24.17 19.35 -14.90
CA SER C 90 -23.54 20.45 -15.64
C SER C 90 -23.28 21.70 -14.80
N GLU C 91 -24.10 21.92 -13.77
CA GLU C 91 -23.99 23.07 -12.89
C GLU C 91 -23.01 22.86 -11.73
N GLY C 92 -22.52 21.62 -11.60
CA GLY C 92 -21.61 21.24 -10.51
C GLY C 92 -22.32 20.61 -9.33
N LEU C 93 -21.75 20.78 -8.14
CA LEU C 93 -22.31 20.16 -6.93
C LEU C 93 -23.35 21.03 -6.21
N GLY C 94 -23.43 22.31 -6.58
CA GLY C 94 -24.40 23.21 -5.98
C GLY C 94 -24.07 23.62 -4.55
N ILE C 95 -22.78 23.66 -4.23
CA ILE C 95 -22.32 24.16 -2.92
C ILE C 95 -21.11 25.08 -3.06
N SER C 96 -21.02 26.04 -2.14
CA SER C 96 -19.79 26.79 -1.95
C SER C 96 -19.25 26.52 -0.54
N ILE C 97 -17.95 26.70 -0.38
CA ILE C 97 -17.26 26.34 0.87
C ILE C 97 -16.59 27.52 1.56
N ILE C 98 -16.34 27.36 2.86
CA ILE C 98 -15.52 28.29 3.64
C ILE C 98 -14.62 27.53 4.61
N GLY C 99 -13.35 27.90 4.66
CA GLY C 99 -12.42 27.37 5.65
C GLY C 99 -12.50 28.10 6.97
N MET C 100 -12.62 27.35 8.07
CA MET C 100 -12.59 27.91 9.42
C MET C 100 -11.48 27.24 10.25
N GLY C 101 -10.76 28.04 11.04
CA GLY C 101 -9.65 27.55 11.88
C GLY C 101 -10.12 26.89 13.17
N ALA C 102 -9.21 26.13 13.79
CA ALA C 102 -9.43 25.55 15.12
C ALA C 102 -9.12 26.59 16.19
N GLY C 103 -10.02 27.55 16.35
CA GLY C 103 -9.80 28.63 17.29
C GLY C 103 -9.68 29.98 16.59
N ALA C 104 -9.18 30.96 17.33
CA ALA C 104 -9.13 32.34 16.86
C ALA C 104 -7.90 32.62 16.00
N ASP C 105 -8.11 33.26 14.83
CA ASP C 105 -7.05 33.85 14.01
C ASP C 105 -5.89 32.88 13.72
N MET C 106 -6.26 31.72 13.19
CA MET C 106 -5.31 30.62 12.96
C MET C 106 -4.58 30.72 11.61
N GLY C 107 -5.02 31.65 10.76
CA GLY C 107 -4.44 31.75 9.42
C GLY C 107 -5.07 30.74 8.46
N LEU C 108 -4.29 30.26 7.49
CA LEU C 108 -4.82 29.62 6.28
C LEU C 108 -4.52 28.14 6.09
N GLU C 109 -3.68 27.57 6.95
CA GLU C 109 -3.06 26.26 6.67
C GLU C 109 -3.90 25.05 6.97
N LYS C 110 -4.52 25.01 8.15
CA LYS C 110 -5.14 23.77 8.63
C LYS C 110 -6.58 24.06 9.02
N LEU C 111 -7.46 24.00 8.03
CA LEU C 111 -8.83 24.47 8.23
C LEU C 111 -9.86 23.35 8.17
N GLY C 112 -10.99 23.57 8.83
CA GLY C 112 -12.18 22.76 8.60
C GLY C 112 -12.91 23.38 7.43
N ILE C 113 -13.42 22.54 6.54
CA ILE C 113 -14.08 23.01 5.33
C ILE C 113 -15.59 22.89 5.48
N PHE C 114 -16.23 24.05 5.61
CA PHE C 114 -17.65 24.14 5.90
C PHE C 114 -18.43 24.58 4.67
N VAL C 115 -19.67 24.10 4.59
CA VAL C 115 -20.60 24.49 3.55
C VAL C 115 -21.08 25.92 3.86
N LYS C 116 -20.71 26.86 3.01
CA LYS C 116 -21.10 28.26 3.17
CA LYS C 116 -21.08 28.27 3.15
C LYS C 116 -22.43 28.55 2.46
N THR C 117 -22.64 27.88 1.33
CA THR C 117 -23.80 28.11 0.48
C THR C 117 -24.29 26.81 -0.18
N VAL C 118 -25.61 26.66 -0.29
CA VAL C 118 -26.23 25.58 -1.04
C VAL C 118 -27.07 26.23 -2.14
N THR C 119 -26.63 26.09 -3.39
CA THR C 119 -27.26 26.79 -4.52
C THR C 119 -28.69 26.29 -4.75
N GLU C 120 -29.64 27.23 -4.77
CA GLU C 120 -31.04 26.90 -5.04
C GLU C 120 -31.18 26.23 -6.41
N GLY C 121 -31.77 25.04 -6.43
CA GLY C 121 -31.94 24.28 -7.67
C GLY C 121 -30.78 23.38 -8.04
N GLY C 122 -29.67 23.49 -7.28
CA GLY C 122 -28.46 22.70 -7.51
C GLY C 122 -28.56 21.28 -6.95
N ALA C 123 -27.57 20.45 -7.29
CA ALA C 123 -27.55 19.02 -6.96
C ALA C 123 -27.61 18.73 -5.45
N ALA C 124 -26.88 19.52 -4.66
CA ALA C 124 -26.90 19.40 -3.20
C ALA C 124 -28.28 19.76 -2.64
N HIS C 125 -28.86 20.83 -3.17
CA HIS C 125 -30.16 21.32 -2.73
C HIS C 125 -31.28 20.30 -2.93
N ARG C 126 -31.42 19.79 -4.16
CA ARG C 126 -32.51 18.86 -4.44
C ARG C 126 -32.34 17.48 -3.79
N ASP C 127 -31.10 17.14 -3.43
CA ASP C 127 -30.83 15.94 -2.63
C ASP C 127 -31.36 16.13 -1.20
N GLY C 128 -31.21 17.35 -0.68
CA GLY C 128 -31.85 17.77 0.57
C GLY C 128 -31.04 17.61 1.85
N ARG C 129 -30.01 16.76 1.81
CA ARG C 129 -29.28 16.38 3.02
C ARG C 129 -28.25 17.42 3.48
N ILE C 130 -27.31 17.78 2.60
CA ILE C 130 -26.29 18.77 2.92
C ILE C 130 -26.90 20.17 3.14
N GLN C 131 -26.52 20.81 4.25
CA GLN C 131 -27.03 22.14 4.60
C GLN C 131 -25.93 23.11 5.02
N VAL C 132 -26.21 24.41 5.00
CA VAL C 132 -25.25 25.43 5.40
C VAL C 132 -24.67 25.11 6.80
N ASN C 133 -23.34 25.27 6.93
CA ASN C 133 -22.57 24.95 8.14
C ASN C 133 -22.27 23.47 8.39
N ASP C 134 -22.61 22.61 7.42
CA ASP C 134 -22.16 21.23 7.46
C ASP C 134 -20.66 21.19 7.22
N LEU C 135 -19.99 20.26 7.89
CA LEU C 135 -18.55 20.07 7.68
C LEU C 135 -18.31 19.01 6.60
N LEU C 136 -17.48 19.35 5.63
CA LEU C 136 -17.02 18.37 4.64
C LEU C 136 -15.81 17.64 5.17
N VAL C 137 -16.04 16.39 5.57
CA VAL C 137 -15.03 15.54 6.19
C VAL C 137 -14.20 14.78 5.13
N GLU C 138 -14.88 14.27 4.11
CA GLU C 138 -14.21 13.45 3.09
C GLU C 138 -14.99 13.60 1.79
N VAL C 139 -14.26 13.72 0.67
CA VAL C 139 -14.88 13.85 -0.64
C VAL C 139 -14.07 12.97 -1.60
N ASP C 140 -14.78 12.09 -2.31
CA ASP C 140 -14.18 11.05 -3.16
C ASP C 140 -12.93 10.38 -2.56
N GLY C 141 -13.05 10.02 -1.28
CA GLY C 141 -12.00 9.29 -0.57
C GLY C 141 -10.86 10.15 -0.04
N THR C 142 -10.92 11.45 -0.29
CA THR C 142 -9.90 12.39 0.16
C THR C 142 -10.35 13.15 1.41
N SER C 143 -9.56 13.06 2.48
CA SER C 143 -9.84 13.82 3.69
C SER C 143 -9.71 15.33 3.47
N LEU C 144 -10.69 16.08 3.97
CA LEU C 144 -10.65 17.55 3.95
C LEU C 144 -10.58 18.12 5.36
N VAL C 145 -10.21 17.28 6.33
CA VAL C 145 -10.10 17.73 7.71
C VAL C 145 -8.68 18.25 7.92
N GLY C 146 -8.53 19.55 8.15
CA GLY C 146 -7.22 20.17 8.37
C GLY C 146 -6.46 20.41 7.07
N VAL C 147 -7.12 21.04 6.12
CA VAL C 147 -6.55 21.34 4.80
C VAL C 147 -6.72 22.82 4.46
N THR C 148 -6.07 23.28 3.40
CA THR C 148 -6.29 24.65 2.96
C THR C 148 -7.58 24.70 2.15
N GLN C 149 -8.16 25.89 2.05
CA GLN C 149 -9.36 26.07 1.23
C GLN C 149 -9.10 25.81 -0.27
N SER C 150 -7.89 26.17 -0.74
CA SER C 150 -7.54 25.93 -2.14
C SER C 150 -7.42 24.43 -2.47
N PHE C 151 -6.89 23.65 -1.51
CA PHE C 151 -6.83 22.19 -1.65
C PHE C 151 -8.23 21.62 -1.75
N ALA C 152 -9.10 22.06 -0.84
CA ALA C 152 -10.51 21.66 -0.84
C ALA C 152 -11.17 21.99 -2.18
N ALA C 153 -10.93 23.20 -2.68
CA ALA C 153 -11.53 23.65 -3.92
C ALA C 153 -11.07 22.77 -5.08
N SER C 154 -9.80 22.38 -5.08
CA SER C 154 -9.25 21.50 -6.12
C SER C 154 -9.91 20.11 -6.09
N VAL C 155 -10.00 19.52 -4.90
CA VAL C 155 -10.70 18.24 -4.70
C VAL C 155 -12.12 18.28 -5.26
N LEU C 156 -12.88 19.30 -4.87
CA LEU C 156 -14.28 19.44 -5.32
C LEU C 156 -14.40 19.68 -6.82
N ARG C 157 -13.49 20.45 -7.40
CA ARG C 157 -13.52 20.70 -8.85
C ARG C 157 -13.29 19.43 -9.64
N ASN C 158 -12.45 18.55 -9.10
CA ASN C 158 -12.04 17.33 -9.80
C ASN C 158 -13.01 16.16 -9.71
N THR C 159 -14.01 16.28 -8.85
CA THR C 159 -15.06 15.27 -8.69
C THR C 159 -15.89 15.12 -9.98
N LYS C 160 -16.36 13.91 -10.24
CA LYS C 160 -17.16 13.62 -11.43
C LYS C 160 -18.23 12.57 -11.13
N GLY C 161 -19.36 12.63 -11.84
CA GLY C 161 -20.42 11.63 -11.70
C GLY C 161 -21.08 11.60 -10.33
N ARG C 162 -21.21 10.40 -9.78
CA ARG C 162 -21.81 10.23 -8.45
C ARG C 162 -20.72 10.39 -7.40
N VAL C 163 -20.73 11.54 -6.72
CA VAL C 163 -19.68 11.94 -5.79
C VAL C 163 -20.02 11.55 -4.35
N ARG C 164 -19.06 10.90 -3.69
CA ARG C 164 -19.25 10.31 -2.36
C ARG C 164 -18.66 11.20 -1.29
N PHE C 165 -19.50 11.59 -0.33
CA PHE C 165 -19.16 12.50 0.77
C PHE C 165 -19.27 11.82 2.13
N MET C 166 -18.48 12.30 3.07
CA MET C 166 -18.77 12.13 4.49
C MET C 166 -18.98 13.53 5.08
N ILE C 167 -20.09 13.69 5.79
CA ILE C 167 -20.54 14.98 6.28
C ILE C 167 -20.66 14.97 7.82
N GLY C 168 -20.24 16.07 8.45
CA GLY C 168 -20.43 16.27 9.89
C GLY C 168 -21.32 17.46 10.17
N ARG C 169 -22.10 17.39 11.24
CA ARG C 169 -23.06 18.45 11.57
C ARG C 169 -23.03 18.80 13.06
N GLU C 170 -22.93 20.10 13.37
CA GLU C 170 -22.83 20.59 14.75
C GLU C 170 -23.89 20.01 15.68
N PRO D 11 18.15 -19.59 -7.62
CA PRO D 11 17.74 -18.29 -8.17
C PRO D 11 17.05 -18.44 -9.53
N TYR D 12 15.94 -17.73 -9.71
CA TYR D 12 15.30 -17.70 -11.03
C TYR D 12 16.12 -16.82 -11.97
N GLU D 13 16.29 -17.32 -13.19
CA GLU D 13 16.94 -16.55 -14.25
C GLU D 13 16.07 -16.66 -15.49
N PRO D 14 15.38 -15.55 -15.85
CA PRO D 14 14.53 -15.57 -17.03
C PRO D 14 15.36 -15.80 -18.30
N GLU D 15 14.73 -16.39 -19.32
CA GLU D 15 15.38 -16.66 -20.61
C GLU D 15 14.53 -16.04 -21.72
N SER D 16 15.14 -15.15 -22.50
CA SER D 16 14.43 -14.47 -23.60
C SER D 16 14.99 -14.92 -24.95
N GLY D 17 14.14 -14.87 -25.98
CA GLY D 17 14.54 -15.31 -27.33
C GLY D 17 13.51 -14.95 -28.38
N CYS D 18 13.92 -15.07 -29.64
CA CYS D 18 13.05 -14.80 -30.77
C CYS D 18 13.40 -15.79 -31.86
N VAL D 19 12.36 -16.33 -32.48
CA VAL D 19 12.47 -17.19 -33.64
C VAL D 19 11.64 -16.51 -34.72
N GLU D 20 12.09 -16.52 -35.97
CA GLU D 20 11.24 -16.01 -37.04
C GLU D 20 10.53 -17.18 -37.71
N ILE D 21 9.30 -16.92 -38.17
CA ILE D 21 8.54 -17.87 -38.96
C ILE D 21 8.11 -17.22 -40.31
N PRO D 22 7.74 -18.04 -41.31
CA PRO D 22 7.22 -17.42 -42.53
C PRO D 22 6.11 -16.40 -42.21
N GLY D 23 6.11 -15.26 -42.91
CA GLY D 23 5.16 -14.18 -42.60
C GLY D 23 3.84 -14.37 -43.32
N LEU D 24 2.99 -13.34 -43.24
CA LEU D 24 1.68 -13.35 -43.90
C LEU D 24 1.83 -13.57 -45.40
N SER D 25 0.96 -14.40 -45.96
CA SER D 25 0.96 -14.66 -47.40
C SER D 25 0.66 -13.35 -48.14
N GLU D 26 1.19 -13.24 -49.35
CA GLU D 26 0.85 -12.13 -50.22
C GLU D 26 -0.63 -12.28 -50.51
N GLU D 27 -1.42 -11.23 -50.33
CA GLU D 27 -2.87 -11.39 -50.55
C GLU D 27 -3.23 -11.19 -52.03
N GLU D 28 -4.24 -11.94 -52.48
CA GLU D 28 -4.68 -11.87 -53.87
C GLU D 28 -5.62 -10.69 -54.09
N ASP D 29 -5.33 -9.93 -55.16
CA ASP D 29 -6.12 -8.77 -55.59
C ASP D 29 -6.60 -7.83 -54.47
N PRO D 30 -5.66 -7.07 -53.85
CA PRO D 30 -6.11 -6.10 -52.84
C PRO D 30 -6.68 -4.84 -53.51
N ALA D 31 -7.67 -4.22 -52.88
CA ALA D 31 -8.30 -3.02 -53.42
C ALA D 31 -7.29 -1.87 -53.58
N PRO D 32 -7.32 -1.16 -54.73
CA PRO D 32 -6.35 -0.08 -54.95
C PRO D 32 -6.58 1.10 -54.00
N SER D 33 -7.83 1.32 -53.62
CA SER D 33 -8.23 2.43 -52.77
C SER D 33 -7.77 2.23 -51.31
N ARG D 34 -7.33 1.02 -50.97
CA ARG D 34 -6.89 0.70 -49.61
C ARG D 34 -5.53 1.33 -49.29
N LYS D 35 -5.45 2.04 -48.16
CA LYS D 35 -4.22 2.70 -47.75
C LYS D 35 -3.31 1.79 -46.92
N ILE D 36 -3.89 1.05 -45.97
CA ILE D 36 -3.08 0.15 -45.17
C ILE D 36 -2.60 -1.04 -46.03
N HIS D 37 -1.53 -1.67 -45.59
CA HIS D 37 -1.08 -2.89 -46.24
C HIS D 37 -0.48 -3.80 -45.20
N PHE D 38 -0.35 -5.07 -45.55
CA PHE D 38 0.16 -6.04 -44.59
C PHE D 38 1.55 -6.51 -44.97
N SER D 39 2.43 -6.61 -43.97
CA SER D 39 3.81 -7.08 -44.19
C SER D 39 3.81 -8.50 -44.72
N THR D 40 4.77 -8.78 -45.61
CA THR D 40 5.06 -10.14 -46.05
C THR D 40 6.37 -10.63 -45.43
N ALA D 41 6.98 -9.77 -44.59
CA ALA D 41 8.25 -10.09 -43.93
C ALA D 41 8.03 -11.16 -42.83
N PRO D 42 9.11 -11.86 -42.41
CA PRO D 42 8.99 -12.90 -41.38
C PRO D 42 8.31 -12.36 -40.11
N ILE D 43 7.51 -13.23 -39.49
CA ILE D 43 6.91 -12.93 -38.20
C ILE D 43 7.82 -13.38 -37.06
N GLN D 44 8.06 -12.44 -36.13
CA GLN D 44 8.85 -12.66 -34.94
C GLN D 44 7.98 -13.34 -33.90
N VAL D 45 8.43 -14.51 -33.43
CA VAL D 45 7.80 -15.25 -32.35
C VAL D 45 8.73 -15.20 -31.13
N PHE D 46 8.34 -14.39 -30.17
CA PHE D 46 9.12 -14.13 -28.97
C PHE D 46 8.72 -15.16 -27.90
N SER D 47 9.67 -15.61 -27.10
CA SER D 47 9.37 -16.61 -26.05
CA SER D 47 9.39 -16.61 -26.05
C SER D 47 8.93 -15.96 -24.74
N THR D 48 7.75 -16.34 -24.27
CA THR D 48 7.30 -15.94 -22.93
C THR D 48 7.35 -17.16 -22.02
N TYR D 49 6.89 -17.00 -20.78
CA TYR D 49 7.03 -18.03 -19.76
C TYR D 49 6.26 -19.30 -20.08
N SER D 50 6.91 -20.45 -19.89
CA SER D 50 6.22 -21.74 -19.94
C SER D 50 5.17 -21.79 -18.83
N ASN D 51 4.21 -22.70 -18.95
CA ASN D 51 3.22 -22.89 -17.86
C ASN D 51 3.87 -23.36 -16.57
N GLU D 52 4.95 -24.14 -16.72
CA GLU D 52 5.75 -24.59 -15.58
C GLU D 52 6.34 -23.41 -14.79
N ASP D 53 6.79 -22.38 -15.51
CA ASP D 53 7.35 -21.17 -14.89
C ASP D 53 6.28 -20.19 -14.40
N TYR D 54 5.15 -20.15 -15.11
CA TYR D 54 4.08 -19.18 -14.83
C TYR D 54 2.76 -19.91 -14.87
N ASP D 55 2.29 -20.34 -13.71
CA ASP D 55 0.98 -20.95 -13.63
C ASP D 55 -0.06 -19.82 -13.78
N ARG D 56 -0.75 -19.80 -14.92
CA ARG D 56 -1.70 -18.72 -15.24
C ARG D 56 -3.13 -19.07 -14.77
N ARG D 57 -3.30 -20.27 -14.22
CA ARG D 57 -4.58 -20.66 -13.64
C ARG D 57 -4.95 -19.81 -12.42
N ASN D 58 -6.24 -19.63 -12.21
CA ASN D 58 -6.74 -18.92 -11.04
C ASN D 58 -8.01 -19.57 -10.53
N GLU D 59 -7.87 -20.45 -9.54
CA GLU D 59 -9.00 -21.20 -9.00
C GLU D 59 -9.88 -20.39 -8.05
N ASP D 60 -9.45 -19.16 -7.73
CA ASP D 60 -10.13 -18.32 -6.74
C ASP D 60 -11.38 -17.63 -7.26
N VAL D 61 -11.51 -17.56 -8.60
CA VAL D 61 -12.64 -16.89 -9.23
C VAL D 61 -13.91 -17.74 -9.06
N ASP D 62 -14.94 -17.12 -8.48
CA ASP D 62 -16.20 -17.78 -8.20
C ASP D 62 -17.36 -16.84 -8.53
N PRO D 63 -17.73 -16.76 -9.82
CA PRO D 63 -18.74 -15.83 -10.33
C PRO D 63 -20.11 -16.01 -9.67
N MET D 64 -20.47 -17.26 -9.40
CA MET D 64 -21.75 -17.54 -8.76
C MET D 64 -21.84 -16.94 -7.35
N ALA D 65 -20.79 -17.14 -6.55
CA ALA D 65 -20.78 -16.64 -5.16
C ALA D 65 -20.73 -15.12 -5.16
N ALA D 66 -19.89 -14.58 -6.04
CA ALA D 66 -19.78 -13.14 -6.21
C ALA D 66 -21.13 -12.50 -6.61
N SER D 67 -21.84 -13.14 -7.55
CA SER D 67 -23.15 -12.65 -7.99
C SER D 67 -24.15 -12.63 -6.85
N ALA D 68 -24.15 -13.70 -6.05
CA ALA D 68 -25.04 -13.81 -4.91
C ALA D 68 -24.81 -12.65 -3.92
N GLU D 69 -23.53 -12.37 -3.63
CA GLU D 69 -23.15 -11.27 -2.72
C GLU D 69 -23.54 -9.92 -3.31
N TYR D 70 -23.26 -9.76 -4.59
CA TYR D 70 -23.56 -8.51 -5.31
C TYR D 70 -25.06 -8.21 -5.29
N GLU D 71 -25.88 -9.24 -5.51
CA GLU D 71 -27.34 -9.11 -5.49
C GLU D 71 -27.84 -8.61 -4.14
N LEU D 72 -27.21 -9.12 -3.08
CA LEU D 72 -27.48 -8.68 -1.72
C LEU D 72 -27.03 -7.22 -1.52
N GLU D 73 -25.84 -6.89 -2.01
CA GLU D 73 -25.28 -5.53 -1.93
C GLU D 73 -26.16 -4.48 -2.59
N LYS D 74 -26.82 -4.86 -3.68
CA LYS D 74 -27.72 -3.96 -4.39
C LYS D 74 -28.97 -3.64 -3.56
N ARG D 75 -28.90 -3.96 -2.26
CA ARG D 75 -29.95 -3.59 -1.30
C ARG D 75 -29.46 -2.51 -0.32
N VAL D 76 -28.21 -2.60 0.13
CA VAL D 76 -27.62 -1.57 1.00
C VAL D 76 -27.52 -0.18 0.33
#